data_4DYP
#
_entry.id   4DYP
#
_cell.length_a   146.550
_cell.length_b   146.550
_cell.length_c   146.550
_cell.angle_alpha   90.000
_cell.angle_beta   90.000
_cell.angle_gamma   90.000
#
_symmetry.space_group_name_H-M   'P 21 3'
#
loop_
_entity.id
_entity.type
_entity.pdbx_description
1 polymer 'Nucleocapsid protein'
2 non-polymer [4-(5-bromanyl-3-methyl-pyridin-2-yl)piperazin-1-yl]-[3-(2-chlorophenyl)-5-methyl-1,2-oxazol-4-yl]methanone
3 water water
#
_entity_poly.entity_id   1
_entity_poly.type   'polypeptide(L)'
_entity_poly.pdbx_seq_one_letter_code
;RSYEQMETDGERQNATEIRASVGKMIDGIGRFYIQMCTELKLSDYEGRLIQNSLTIERMVLSAFDERRNKYLEEHPSAGK
DPKKTGGPIYRRVDGKWRRELILYDKEEIRRIWRQANNGDDATAGLTHMMIWHSNLNDATYQRTRALVRTGMDPRMCSLM
QGSTLPRRSGAAGAAVKGVGTMVMELIRMIKRGINDRNFWRGENGRRTRIAYERMCNILKGKFQTAAQRTMVDQVRESRN
PGNAEFEDLIFLARSALILRGSVAHKSCLPACVYGSAVASGYDFEREGYSLVGIDPFRLLQNSQVYSLIRPNENPAHKSQ
LVWMACHSAAFEDLRVSSFIRGTKVVPRGKLSTRGVQIASNENMETMESSTLELRSRYWAIRTRSGGNTNQQRASSGQIS
IQPTFSVQRNLPFDRPTIMAAFTGNTEGRTSDMRTEIIRLMESARPEDVSFQGRGVFELSDEKATSPIVPSFDMSNEGSY
FFGDNAEEYDNLEHHHHHH
;
_entity_poly.pdbx_strand_id   A,B
#
loop_
_chem_comp.id
_chem_comp.type
_chem_comp.name
_chem_comp.formula
0MS non-polymer [4-(5-bromanyl-3-methyl-pyridin-2-yl)piperazin-1-yl]-[3-(2-chlorophenyl)-5-methyl-1,2-oxazol-4-yl]methanone 'C21 H20 Br Cl N4 O2'
#
# COMPACT_ATOMS: atom_id res chain seq x y z
N ALA A 15 28.92 12.22 -2.18
CA ALA A 15 27.64 11.48 -1.94
C ALA A 15 26.95 11.96 -0.67
N THR A 16 27.65 11.87 0.46
CA THR A 16 27.15 12.41 1.73
C THR A 16 26.80 13.90 1.62
N GLU A 17 27.69 14.67 1.00
CA GLU A 17 27.47 16.09 0.76
C GLU A 17 26.27 16.34 -0.18
N ILE A 18 26.15 15.52 -1.22
CA ILE A 18 25.02 15.62 -2.15
C ILE A 18 23.71 15.28 -1.43
N ARG A 19 23.73 14.17 -0.68
CA ARG A 19 22.56 13.70 0.05
C ARG A 19 22.13 14.70 1.11
N ALA A 20 23.10 15.45 1.63
CA ALA A 20 22.85 16.51 2.59
C ALA A 20 22.03 17.67 2.01
N SER A 21 22.46 18.20 0.86
CA SER A 21 21.70 19.30 0.24
C SER A 21 20.35 18.85 -0.32
N VAL A 22 20.31 17.69 -0.98
CA VAL A 22 19.06 17.14 -1.48
C VAL A 22 18.09 16.96 -0.31
N GLY A 23 18.60 16.37 0.77
CA GLY A 23 17.83 16.15 1.99
C GLY A 23 17.25 17.42 2.56
N LYS A 24 17.97 18.53 2.41
CA LYS A 24 17.52 19.84 2.89
C LYS A 24 16.37 20.40 2.06
N MET A 25 16.49 20.34 0.74
CA MET A 25 15.47 20.93 -0.14
C MET A 25 14.16 20.14 -0.10
N ILE A 26 14.26 18.82 0.05
CA ILE A 26 13.07 17.97 0.21
C ILE A 26 12.44 18.24 1.59
N ASP A 27 13.28 18.52 2.57
CA ASP A 27 12.84 18.88 3.90
C ASP A 27 12.14 20.23 3.91
N GLY A 28 12.61 21.14 3.05
CA GLY A 28 11.99 22.45 2.89
C GLY A 28 10.60 22.34 2.30
N ILE A 29 10.51 21.66 1.15
CA ILE A 29 9.24 21.41 0.47
C ILE A 29 8.22 20.82 1.44
N GLY A 30 8.67 19.88 2.28
CA GLY A 30 7.84 19.26 3.30
C GLY A 30 7.24 20.26 4.27
N ARG A 31 8.10 21.02 4.94
CA ARG A 31 7.67 22.06 5.89
C ARG A 31 6.72 23.07 5.25
N PHE A 32 7.02 23.47 4.02
CA PHE A 32 6.14 24.36 3.26
C PHE A 32 4.75 23.78 3.08
N TYR A 33 4.68 22.52 2.68
CA TYR A 33 3.40 21.87 2.41
C TYR A 33 2.54 21.74 3.67
N ILE A 34 3.16 21.32 4.78
CA ILE A 34 2.49 21.23 6.07
C ILE A 34 1.91 22.60 6.47
N GLN A 35 2.74 23.63 6.34
CA GLN A 35 2.33 25.00 6.63
C GLN A 35 1.12 25.38 5.79
N MET A 36 1.21 25.14 4.49
CA MET A 36 0.16 25.46 3.55
C MET A 36 -1.12 24.66 3.81
N CYS A 37 -0.96 23.44 4.35
CA CYS A 37 -2.08 22.58 4.68
C CYS A 37 -2.84 23.05 5.92
N THR A 38 -2.12 23.65 6.87
CA THR A 38 -2.74 24.21 8.07
C THR A 38 -3.46 25.53 7.75
N GLU A 39 -2.86 26.32 6.86
CA GLU A 39 -3.47 27.56 6.39
C GLU A 39 -4.87 27.30 5.83
N LEU A 40 -4.95 26.36 4.90
CA LEU A 40 -6.22 26.03 4.23
C LEU A 40 -7.15 25.17 5.09
N LYS A 41 -6.72 24.89 6.32
CA LYS A 41 -7.47 24.03 7.26
C LYS A 41 -7.92 22.71 6.61
N LEU A 42 -6.95 22.01 6.00
CA LEU A 42 -7.19 20.74 5.34
C LEU A 42 -6.93 19.58 6.29
N SER A 43 -7.77 18.55 6.24
CA SER A 43 -7.49 17.31 6.96
C SER A 43 -6.27 16.62 6.35
N ASP A 44 -5.66 15.71 7.10
CA ASP A 44 -4.51 14.96 6.61
C ASP A 44 -4.81 14.26 5.28
N TYR A 45 -5.93 13.52 5.23
CA TYR A 45 -6.37 12.86 4.00
C TYR A 45 -6.44 13.84 2.83
N GLU A 46 -7.11 14.96 3.06
CA GLU A 46 -7.28 16.01 2.05
C GLU A 46 -5.95 16.56 1.54
N GLY A 47 -5.00 16.75 2.46
CA GLY A 47 -3.65 17.19 2.11
C GLY A 47 -2.94 16.20 1.22
N ARG A 48 -3.35 14.93 1.29
CA ARG A 48 -2.75 13.86 0.51
C ARG A 48 -3.59 13.49 -0.71
N LEU A 49 -4.45 14.41 -1.13
CA LEU A 49 -5.15 14.29 -2.40
C LEU A 49 -4.28 14.98 -3.44
N ILE A 50 -3.97 14.26 -4.52
CA ILE A 50 -3.01 14.71 -5.53
C ILE A 50 -3.41 16.06 -6.17
N GLN A 51 -4.70 16.23 -6.43
CA GLN A 51 -5.23 17.46 -7.01
C GLN A 51 -4.98 18.68 -6.11
N ASN A 52 -5.09 18.47 -4.80
CA ASN A 52 -4.76 19.51 -3.82
C ASN A 52 -3.27 19.83 -3.79
N SER A 53 -2.44 18.81 -3.93
CA SER A 53 -0.99 19.00 -3.93
C SER A 53 -0.54 19.82 -5.14
N LEU A 54 -1.12 19.52 -6.30
CA LEU A 54 -0.78 20.22 -7.55
C LEU A 54 -1.16 21.70 -7.55
N THR A 55 -2.25 22.06 -6.88
CA THR A 55 -2.67 23.45 -6.76
C THR A 55 -1.72 24.24 -5.85
N ILE A 56 -1.40 23.66 -4.70
CA ILE A 56 -0.46 24.25 -3.76
C ILE A 56 0.92 24.40 -4.42
N GLU A 57 1.35 23.38 -5.16
CA GLU A 57 2.59 23.43 -5.92
C GLU A 57 2.54 24.54 -6.95
N ARG A 58 1.41 24.66 -7.65
CA ARG A 58 1.22 25.68 -8.67
C ARG A 58 1.34 27.08 -8.07
N MET A 59 0.68 27.28 -6.92
CA MET A 59 0.63 28.59 -6.25
C MET A 59 1.99 29.15 -5.85
N VAL A 60 2.86 28.31 -5.32
CA VAL A 60 4.23 28.72 -4.95
C VAL A 60 5.12 28.98 -6.19
N LEU A 61 4.77 28.35 -7.31
CA LEU A 61 5.53 28.54 -8.54
C LEU A 61 5.12 29.81 -9.27
N SER A 62 3.83 30.11 -9.27
CA SER A 62 3.31 31.36 -9.83
C SER A 62 3.75 32.55 -8.99
N ALA A 63 3.70 32.41 -7.67
CA ALA A 63 4.15 33.44 -6.72
C ALA A 63 5.57 33.90 -7.02
N PHE A 64 6.43 32.97 -7.40
CA PHE A 64 7.76 33.29 -7.89
C PHE A 64 7.72 33.29 -9.41
N LYS A 84 -1.69 38.34 -6.59
CA LYS A 84 -2.77 37.36 -6.64
C LYS A 84 -2.33 36.04 -7.29
N THR A 85 -2.64 34.94 -6.62
CA THR A 85 -2.40 33.58 -7.15
C THR A 85 -3.31 32.56 -6.46
N GLY A 86 -3.83 31.62 -7.22
CA GLY A 86 -4.76 30.63 -6.67
C GLY A 86 -5.00 29.42 -7.53
N GLY A 87 -6.09 28.71 -7.22
CA GLY A 87 -6.45 27.48 -7.92
C GLY A 87 -7.46 26.69 -7.11
N PRO A 88 -7.99 25.60 -7.68
CA PRO A 88 -9.01 24.81 -7.00
C PRO A 88 -8.46 24.03 -5.81
N ILE A 89 -9.25 23.98 -4.74
CA ILE A 89 -8.93 23.17 -3.57
C ILE A 89 -10.15 22.34 -3.21
N TYR A 90 -9.94 21.06 -2.95
CA TYR A 90 -11.03 20.10 -2.83
C TYR A 90 -11.19 19.59 -1.41
N ARG A 91 -12.39 19.76 -0.87
CA ARG A 91 -12.71 19.37 0.52
C ARG A 91 -13.76 18.27 0.57
N ARG A 92 -14.04 17.78 1.76
CA ARG A 92 -14.98 16.68 1.96
C ARG A 92 -16.11 17.12 2.90
N VAL A 93 -17.22 17.60 2.31
CA VAL A 93 -18.35 18.10 3.09
C VAL A 93 -19.62 17.28 2.87
N ASP A 94 -20.10 16.69 3.96
CA ASP A 94 -21.31 15.83 3.97
C ASP A 94 -21.36 14.77 2.87
N GLY A 95 -20.35 13.89 2.89
CA GLY A 95 -20.30 12.74 1.98
C GLY A 95 -20.14 13.07 0.50
N LYS A 96 -19.78 14.32 0.20
CA LYS A 96 -19.60 14.75 -1.19
C LYS A 96 -18.34 15.59 -1.36
N TRP A 97 -17.66 15.38 -2.49
CA TRP A 97 -16.49 16.18 -2.84
C TRP A 97 -16.92 17.51 -3.40
N ARG A 98 -16.35 18.59 -2.87
CA ARG A 98 -16.68 19.94 -3.29
C ARG A 98 -15.44 20.73 -3.68
N ARG A 99 -15.54 21.48 -4.76
CA ARG A 99 -14.46 22.34 -5.24
C ARG A 99 -14.66 23.76 -4.69
N GLU A 100 -13.57 24.40 -4.31
CA GLU A 100 -13.62 25.74 -3.75
C GLU A 100 -12.34 26.51 -4.03
N LEU A 101 -12.26 27.10 -5.23
CA LEU A 101 -11.10 27.89 -5.64
C LEU A 101 -10.89 29.13 -4.76
N ILE A 102 -9.66 29.32 -4.29
CA ILE A 102 -9.30 30.48 -3.47
C ILE A 102 -7.99 31.10 -3.91
N LEU A 103 -7.76 32.36 -3.53
CA LEU A 103 -6.57 33.09 -3.92
C LEU A 103 -5.78 33.61 -2.72
N TYR A 104 -4.46 33.76 -2.92
CA TYR A 104 -3.54 34.28 -1.91
C TYR A 104 -2.70 35.40 -2.50
N ASP A 105 -2.12 36.22 -1.63
CA ASP A 105 -1.10 37.18 -2.05
C ASP A 105 0.14 36.42 -2.44
N LYS A 106 0.75 36.78 -3.57
CA LYS A 106 2.02 36.19 -3.98
C LYS A 106 3.08 36.44 -2.91
N GLU A 107 3.07 37.65 -2.34
CA GLU A 107 3.99 38.04 -1.28
C GLU A 107 3.86 37.17 -0.03
N GLU A 108 2.63 36.83 0.34
CA GLU A 108 2.37 35.97 1.50
C GLU A 108 2.93 34.56 1.28
N ILE A 109 2.70 34.01 0.09
CA ILE A 109 3.24 32.70 -0.29
C ILE A 109 4.77 32.75 -0.32
N ARG A 110 5.31 33.73 -1.06
CA ARG A 110 6.75 33.93 -1.14
C ARG A 110 7.41 34.03 0.24
N ARG A 111 6.69 34.61 1.20
CA ARG A 111 7.15 34.68 2.58
C ARG A 111 7.12 33.30 3.22
N ILE A 112 6.00 32.58 3.04
CA ILE A 112 5.83 31.24 3.61
C ILE A 112 6.85 30.23 3.08
N TRP A 113 7.21 30.36 1.81
CA TRP A 113 8.21 29.48 1.19
C TRP A 113 9.63 29.73 1.72
N ARG A 114 10.04 31.00 1.74
CA ARG A 114 11.36 31.41 2.25
C ARG A 114 11.58 30.94 3.69
N GLN A 115 10.54 31.02 4.51
CA GLN A 115 10.64 30.72 5.93
C GLN A 115 10.59 29.24 6.24
N ALA A 116 9.92 28.47 5.39
CA ALA A 116 9.91 27.02 5.50
C ALA A 116 11.27 26.46 5.08
N ASN A 117 11.99 27.25 4.28
CA ASN A 117 13.34 26.90 3.84
C ASN A 117 14.42 27.70 4.57
N ASN A 118 14.28 27.74 5.90
CA ASN A 118 15.29 28.32 6.81
C ASN A 118 15.95 29.60 6.29
N GLY A 119 15.14 30.60 6.01
CA GLY A 119 15.61 31.92 5.58
C GLY A 119 15.90 32.05 4.09
N ASP A 120 16.72 31.13 3.57
CA ASP A 120 17.16 31.15 2.17
C ASP A 120 16.02 31.27 1.15
N ASP A 121 16.34 31.86 0.01
CA ASP A 121 15.41 31.98 -1.11
C ASP A 121 15.00 30.61 -1.67
N ALA A 122 15.95 29.66 -1.63
CA ALA A 122 15.73 28.26 -2.01
C ALA A 122 15.05 28.08 -3.37
N THR A 123 15.80 28.35 -4.44
CA THR A 123 15.28 28.16 -5.79
C THR A 123 15.32 26.69 -6.20
N ALA A 124 16.25 25.93 -5.64
CA ALA A 124 16.43 24.50 -5.97
C ALA A 124 15.16 23.68 -5.73
N GLY A 125 14.52 23.89 -4.57
CA GLY A 125 13.30 23.17 -4.21
C GLY A 125 12.14 23.51 -5.12
N LEU A 126 12.20 24.72 -5.69
CA LEU A 126 11.19 25.19 -6.64
C LEU A 126 11.30 24.48 -7.97
N THR A 127 12.52 24.36 -8.50
CA THR A 127 12.71 23.69 -9.79
C THR A 127 12.46 22.19 -9.66
N HIS A 128 12.54 21.68 -8.43
CA HIS A 128 12.21 20.28 -8.13
C HIS A 128 10.72 20.01 -8.29
N MET A 129 9.89 21.00 -8.01
CA MET A 129 8.44 20.88 -8.19
C MET A 129 8.06 21.08 -9.65
N MET A 130 8.84 21.89 -10.35
CA MET A 130 8.68 22.10 -11.79
C MET A 130 9.02 20.84 -12.58
N ILE A 131 10.07 20.15 -12.16
CA ILE A 131 10.51 18.90 -12.80
C ILE A 131 9.50 17.79 -12.57
N TRP A 132 8.91 17.77 -11.38
CA TRP A 132 7.80 16.87 -11.08
C TRP A 132 6.62 17.13 -12.00
N HIS A 133 6.26 18.41 -12.20
CA HIS A 133 5.18 18.77 -13.13
C HIS A 133 5.55 18.43 -14.56
N SER A 134 6.82 18.64 -14.88
CA SER A 134 7.37 18.30 -16.19
C SER A 134 7.19 16.81 -16.48
N ASN A 135 7.50 15.98 -15.49
CA ASN A 135 7.40 14.53 -15.62
C ASN A 135 5.97 14.04 -15.78
N LEU A 136 5.04 14.64 -15.03
CA LEU A 136 3.62 14.29 -15.14
C LEU A 136 3.03 14.72 -16.48
N ASN A 137 3.47 15.88 -16.97
CA ASN A 137 3.12 16.32 -18.32
C ASN A 137 3.64 15.33 -19.35
N ASP A 138 4.91 14.95 -19.21
CA ASP A 138 5.57 14.00 -20.11
C ASP A 138 4.79 12.69 -20.23
N ALA A 139 4.18 12.26 -19.14
CA ALA A 139 3.36 11.05 -19.12
C ALA A 139 1.93 11.26 -19.61
N THR A 140 1.39 12.47 -19.38
CA THR A 140 -0.02 12.76 -19.70
C THR A 140 -0.25 13.18 -21.16
N TYR A 141 0.56 14.11 -21.64
CA TYR A 141 0.32 14.73 -22.95
C TYR A 141 1.39 14.43 -24.00
N GLN A 142 0.93 14.19 -25.22
CA GLN A 142 1.79 14.20 -26.39
C GLN A 142 1.95 15.65 -26.84
N ARG A 143 3.17 16.04 -27.20
CA ARG A 143 3.44 17.41 -27.63
C ARG A 143 3.58 17.50 -29.16
N THR A 144 2.74 16.74 -29.86
CA THR A 144 2.76 16.66 -31.31
C THR A 144 2.44 18.01 -31.98
N ARG A 145 1.43 18.71 -31.46
CA ARG A 145 1.00 19.99 -31.99
C ARG A 145 2.11 21.05 -31.96
N ALA A 146 2.98 20.95 -30.96
CA ALA A 146 4.11 21.86 -30.82
C ALA A 146 5.31 21.43 -31.67
N LEU A 147 5.44 20.11 -31.88
CA LEU A 147 6.52 19.58 -32.70
C LEU A 147 6.39 19.96 -34.17
N VAL A 148 5.16 19.92 -34.69
CA VAL A 148 4.88 20.30 -36.09
C VAL A 148 5.17 21.77 -36.37
N ARG A 149 4.86 22.64 -35.42
CA ARG A 149 5.15 24.07 -35.56
C ARG A 149 6.65 24.30 -35.64
N THR A 150 7.42 23.54 -34.87
CA THR A 150 8.88 23.65 -34.87
C THR A 150 9.53 22.93 -36.06
N GLY A 151 8.71 22.28 -36.89
CA GLY A 151 9.20 21.56 -38.07
C GLY A 151 9.90 20.26 -37.70
N MET A 152 9.46 19.66 -36.61
CA MET A 152 10.05 18.43 -36.11
C MET A 152 9.10 17.26 -36.32
N ASP A 153 9.67 16.07 -36.54
CA ASP A 153 8.91 14.83 -36.63
C ASP A 153 8.20 14.56 -35.31
N PRO A 154 6.86 14.42 -35.34
CA PRO A 154 6.09 14.13 -34.12
C PRO A 154 6.38 12.75 -33.51
N ARG A 155 7.17 11.94 -34.20
CA ARG A 155 7.59 10.62 -33.70
C ARG A 155 8.82 10.71 -32.79
N MET A 156 9.23 11.95 -32.49
CA MET A 156 10.39 12.20 -31.65
C MET A 156 10.03 12.38 -30.17
N CYS A 157 8.81 12.00 -29.80
CA CYS A 157 8.33 12.20 -28.44
C CYS A 157 9.29 11.68 -27.36
N SER A 158 9.96 10.56 -27.64
CA SER A 158 10.90 9.97 -26.69
C SER A 158 12.09 10.88 -26.37
N LEU A 159 12.28 11.90 -27.21
CA LEU A 159 13.34 12.88 -27.03
C LEU A 159 12.86 14.14 -26.33
N MET A 160 11.61 14.14 -25.88
CA MET A 160 10.97 15.40 -25.45
C MET A 160 10.85 15.63 -23.94
N GLN A 161 11.64 14.93 -23.14
CA GLN A 161 11.63 15.14 -21.70
C GLN A 161 11.90 16.62 -21.39
N GLY A 162 11.04 17.21 -20.57
CA GLY A 162 11.22 18.60 -20.14
C GLY A 162 10.85 19.65 -21.16
N SER A 163 9.96 19.31 -22.09
CA SER A 163 9.54 20.25 -23.13
C SER A 163 8.58 21.32 -22.60
N THR A 164 7.79 20.96 -21.59
CA THR A 164 6.86 21.89 -20.94
C THR A 164 7.57 22.65 -19.81
N LEU A 165 8.89 22.50 -19.76
CA LEU A 165 9.72 23.18 -18.79
C LEU A 165 10.22 24.47 -19.44
N PRO A 166 10.17 25.59 -18.72
CA PRO A 166 10.55 26.88 -19.31
C PRO A 166 11.99 26.93 -19.79
N ARG A 167 12.21 27.55 -20.94
CA ARG A 167 13.57 27.85 -21.41
C ARG A 167 14.27 28.67 -20.33
N ARG A 168 15.54 28.33 -20.08
CA ARG A 168 16.25 28.89 -18.92
C ARG A 168 15.55 28.47 -17.63
N SER A 169 15.58 27.18 -17.35
CA SER A 169 15.09 26.63 -16.10
C SER A 169 16.29 26.62 -15.15
N GLY A 170 16.33 25.69 -14.21
CA GLY A 170 17.50 25.52 -13.36
C GLY A 170 18.61 24.75 -14.06
N ALA A 171 19.68 24.48 -13.31
CA ALA A 171 20.73 23.56 -13.76
C ALA A 171 20.17 22.14 -13.76
N ALA A 172 19.32 21.86 -12.77
CA ALA A 172 18.60 20.60 -12.67
C ALA A 172 17.66 20.43 -13.84
N GLY A 173 17.00 21.52 -14.22
CA GLY A 173 16.08 21.55 -15.36
C GLY A 173 16.78 21.28 -16.67
N ALA A 174 17.97 21.85 -16.81
CA ALA A 174 18.80 21.63 -17.99
C ALA A 174 19.16 20.16 -18.13
N ALA A 175 19.57 19.56 -17.03
CA ALA A 175 20.01 18.15 -17.00
C ALA A 175 18.90 17.19 -17.42
N VAL A 176 17.69 17.47 -16.96
CA VAL A 176 16.53 16.63 -17.18
C VAL A 176 15.97 16.76 -18.61
N LYS A 177 16.25 17.89 -19.25
CA LYS A 177 15.73 18.17 -20.60
C LYS A 177 16.33 17.22 -21.65
N GLY A 178 15.48 16.69 -22.51
CA GLY A 178 15.92 15.74 -23.53
C GLY A 178 16.54 16.41 -24.74
N VAL A 179 17.23 15.60 -25.56
CA VAL A 179 17.87 16.10 -26.78
C VAL A 179 16.88 16.86 -27.65
N GLY A 180 15.71 16.25 -27.87
CA GLY A 180 14.66 16.83 -28.68
C GLY A 180 14.16 18.16 -28.15
N THR A 181 14.01 18.23 -26.82
CA THR A 181 13.61 19.48 -26.16
C THR A 181 14.60 20.61 -26.48
N MET A 182 15.89 20.33 -26.29
CA MET A 182 16.96 21.27 -26.58
C MET A 182 16.96 21.75 -28.03
N VAL A 183 16.73 20.81 -28.96
CA VAL A 183 16.62 21.13 -30.39
C VAL A 183 15.44 22.06 -30.69
N MET A 184 14.27 21.73 -30.11
CA MET A 184 13.05 22.52 -30.25
C MET A 184 13.22 23.96 -29.74
N GLU A 185 13.85 24.10 -28.58
CA GLU A 185 14.17 25.41 -28.02
C GLU A 185 15.12 26.20 -28.90
N LEU A 186 16.09 25.50 -29.48
CA LEU A 186 17.07 26.12 -30.38
C LEU A 186 16.44 26.64 -31.67
N ILE A 187 15.42 25.95 -32.18
CA ILE A 187 14.73 26.39 -33.40
C ILE A 187 13.89 27.64 -33.13
N ARG A 188 13.18 27.66 -32.00
CA ARG A 188 12.39 28.82 -31.59
C ARG A 188 13.24 30.10 -31.58
N MET A 189 14.48 29.97 -31.10
CA MET A 189 15.46 31.05 -31.14
C MET A 189 15.75 31.45 -32.59
N ILE A 190 16.19 30.48 -33.38
CA ILE A 190 16.48 30.67 -34.81
C ILE A 190 15.32 31.35 -35.56
N LYS A 191 14.09 30.90 -35.29
CA LYS A 191 12.90 31.44 -35.94
C LYS A 191 12.48 32.80 -35.38
N GLY A 205 20.30 43.38 -27.77
CA GLY A 205 19.92 41.98 -27.85
C GLY A 205 21.08 41.05 -28.14
N ARG A 206 22.25 41.37 -27.58
CA ARG A 206 23.42 40.49 -27.66
C ARG A 206 23.43 39.48 -26.51
N ARG A 207 22.43 39.59 -25.64
CA ARG A 207 22.16 38.57 -24.62
C ARG A 207 21.42 37.39 -25.25
N THR A 208 20.97 37.59 -26.48
CA THR A 208 20.33 36.53 -27.27
C THR A 208 21.39 35.55 -27.75
N ARG A 209 22.56 36.09 -28.11
CA ARG A 209 23.67 35.27 -28.59
C ARG A 209 24.28 34.39 -27.51
N ILE A 210 24.40 34.91 -26.29
CA ILE A 210 24.94 34.13 -25.18
C ILE A 210 23.95 33.03 -24.75
N ALA A 211 22.66 33.36 -24.80
CA ALA A 211 21.61 32.40 -24.49
C ALA A 211 21.51 31.32 -25.56
N TYR A 212 21.89 31.67 -26.79
CA TYR A 212 21.99 30.74 -27.89
C TYR A 212 23.16 29.78 -27.67
N GLU A 213 24.32 30.34 -27.35
CA GLU A 213 25.53 29.55 -27.10
C GLU A 213 25.39 28.68 -25.86
N ARG A 214 24.65 29.16 -24.86
CA ARG A 214 24.38 28.40 -23.64
C ARG A 214 23.63 27.10 -23.96
N MET A 215 22.53 27.23 -24.70
CA MET A 215 21.71 26.08 -25.10
C MET A 215 22.46 25.09 -26.00
N CYS A 216 23.32 25.61 -26.86
CA CYS A 216 24.18 24.78 -27.70
C CYS A 216 25.10 23.90 -26.84
N ASN A 217 25.67 24.49 -25.80
CA ASN A 217 26.56 23.77 -24.89
C ASN A 217 25.83 22.74 -24.05
N ILE A 218 24.58 23.05 -23.68
CA ILE A 218 23.72 22.11 -22.96
C ILE A 218 23.46 20.89 -23.85
N LEU A 219 23.15 21.13 -25.12
CA LEU A 219 22.92 20.06 -26.09
C LEU A 219 24.18 19.26 -26.38
N LYS A 220 25.30 19.96 -26.54
CA LYS A 220 26.60 19.34 -26.82
C LYS A 220 27.01 18.38 -25.71
N GLY A 221 26.86 18.82 -24.46
CA GLY A 221 27.22 18.02 -23.30
C GLY A 221 26.40 16.76 -23.17
N LYS A 222 25.25 16.76 -23.84
CA LYS A 222 24.33 15.63 -23.83
C LYS A 222 24.73 14.55 -24.85
N PHE A 223 25.39 14.96 -25.93
CA PHE A 223 25.79 14.02 -26.98
C PHE A 223 26.99 13.18 -26.59
N GLN A 224 26.89 11.88 -26.81
CA GLN A 224 27.88 10.92 -26.36
C GLN A 224 28.90 10.54 -27.44
N THR A 225 28.75 11.09 -28.64
CA THR A 225 29.73 10.86 -29.70
C THR A 225 30.40 12.17 -30.12
N ALA A 226 31.65 12.06 -30.58
CA ALA A 226 32.40 13.22 -31.07
C ALA A 226 31.73 13.84 -32.29
N ALA A 227 31.32 12.98 -33.23
CA ALA A 227 30.66 13.41 -34.46
C ALA A 227 29.43 14.29 -34.21
N GLN A 228 28.60 13.89 -33.25
CA GLN A 228 27.41 14.65 -32.89
C GLN A 228 27.79 15.97 -32.24
N ARG A 229 28.86 15.96 -31.45
CA ARG A 229 29.33 17.14 -30.74
C ARG A 229 29.92 18.18 -31.68
N THR A 230 30.66 17.72 -32.69
CA THR A 230 31.29 18.60 -33.69
C THR A 230 30.24 19.32 -34.54
N MET A 231 29.11 18.66 -34.76
CA MET A 231 28.01 19.27 -35.49
C MET A 231 27.35 20.39 -34.67
N VAL A 232 27.34 20.23 -33.35
CA VAL A 232 26.82 21.26 -32.46
C VAL A 232 27.72 22.50 -32.43
N ASP A 233 29.04 22.27 -32.55
CA ASP A 233 30.00 23.35 -32.69
C ASP A 233 29.75 24.16 -33.98
N GLN A 234 29.36 23.46 -35.04
CA GLN A 234 29.07 24.09 -36.33
C GLN A 234 27.77 24.90 -36.34
N VAL A 235 26.86 24.55 -35.44
CA VAL A 235 25.61 25.29 -35.27
C VAL A 235 25.85 26.50 -34.35
N ARG A 236 26.66 26.30 -33.31
CA ARG A 236 26.98 27.35 -32.35
C ARG A 236 27.92 28.41 -32.94
N GLU A 237 28.96 27.97 -33.63
CA GLU A 237 29.97 28.87 -34.20
C GLU A 237 29.41 29.75 -35.30
N SER A 238 28.26 29.34 -35.85
CA SER A 238 27.58 30.09 -36.90
C SER A 238 27.22 31.50 -36.46
N ARG A 239 27.53 32.47 -37.31
CA ARG A 239 27.06 33.85 -37.13
C ARG A 239 25.71 33.99 -37.82
N ASN A 240 24.76 34.61 -37.14
CA ASN A 240 23.38 34.79 -37.64
C ASN A 240 22.73 33.49 -38.15
N PRO A 241 22.28 32.62 -37.23
CA PRO A 241 21.73 31.29 -37.56
C PRO A 241 20.45 31.36 -38.40
N GLY A 242 20.20 30.30 -39.17
CA GLY A 242 19.05 30.23 -40.07
C GLY A 242 18.65 28.80 -40.42
N ASN A 243 18.48 28.55 -41.72
CA ASN A 243 18.00 27.25 -42.22
C ASN A 243 19.00 26.10 -42.16
N ALA A 244 20.29 26.43 -42.38
CA ALA A 244 21.35 25.43 -42.30
C ALA A 244 21.43 24.84 -40.88
N GLU A 245 21.27 25.70 -39.88
CA GLU A 245 21.27 25.29 -38.48
C GLU A 245 19.99 24.54 -38.13
N PHE A 246 18.87 24.96 -38.71
CA PHE A 246 17.60 24.25 -38.58
C PHE A 246 17.72 22.83 -39.11
N GLU A 247 18.29 22.70 -40.31
CA GLU A 247 18.50 21.40 -40.94
C GLU A 247 19.45 20.52 -40.15
N ASP A 248 20.48 21.14 -39.57
CA ASP A 248 21.47 20.43 -38.76
C ASP A 248 20.89 19.89 -37.45
N LEU A 249 20.07 20.69 -36.79
CA LEU A 249 19.47 20.30 -35.52
C LEU A 249 18.38 19.23 -35.68
N ILE A 250 17.70 19.24 -36.83
CA ILE A 250 16.72 18.20 -37.15
C ILE A 250 17.44 16.87 -37.40
N PHE A 251 18.59 16.95 -38.05
CA PHE A 251 19.44 15.79 -38.28
C PHE A 251 19.88 15.22 -36.93
N LEU A 252 20.38 16.09 -36.06
CA LEU A 252 20.89 15.71 -34.75
C LEU A 252 19.82 15.05 -33.87
N ALA A 253 18.60 15.56 -33.97
CA ALA A 253 17.47 14.98 -33.25
C ALA A 253 17.22 13.55 -33.72
N ARG A 254 17.18 13.33 -35.04
CA ARG A 254 16.96 12.00 -35.60
C ARG A 254 18.02 11.00 -35.15
N SER A 255 19.27 11.47 -35.10
CA SER A 255 20.40 10.64 -34.68
C SER A 255 20.27 10.18 -33.22
N ALA A 256 19.68 11.04 -32.39
CA ALA A 256 19.54 10.79 -30.97
C ALA A 256 18.48 9.72 -30.65
N LEU A 257 17.77 9.26 -31.67
CA LEU A 257 16.86 8.14 -31.52
C LEU A 257 17.64 6.83 -31.52
N ILE A 258 18.81 6.84 -32.16
CA ILE A 258 19.66 5.67 -32.27
C ILE A 258 20.89 5.85 -31.38
N LEU A 259 21.70 6.86 -31.68
CA LEU A 259 22.84 7.24 -30.84
C LEU A 259 22.34 8.22 -29.79
N ARG A 260 21.76 7.67 -28.72
CA ARG A 260 21.03 8.43 -27.71
C ARG A 260 21.91 9.35 -26.87
N GLY A 261 21.33 10.49 -26.47
CA GLY A 261 22.03 11.48 -25.66
C GLY A 261 21.93 11.20 -24.18
N SER A 262 22.87 11.75 -23.41
CA SER A 262 22.87 11.63 -21.96
C SER A 262 21.87 12.59 -21.33
N VAL A 263 20.76 12.04 -20.84
CA VAL A 263 19.67 12.82 -20.28
C VAL A 263 19.42 12.35 -18.86
N ALA A 264 19.40 13.30 -17.92
CA ALA A 264 19.21 12.98 -16.51
C ALA A 264 17.76 12.58 -16.21
N HIS A 265 17.61 11.68 -15.25
CA HIS A 265 16.28 11.23 -14.81
C HIS A 265 16.19 11.34 -13.30
N LYS A 266 15.12 11.97 -12.84
CA LYS A 266 14.98 12.30 -11.43
C LYS A 266 13.58 11.98 -10.92
N SER A 267 13.49 11.04 -10.00
CA SER A 267 12.24 10.79 -9.30
C SER A 267 11.90 12.01 -8.47
N CYS A 268 10.82 12.68 -8.84
CA CYS A 268 10.36 13.87 -8.14
C CYS A 268 8.91 13.65 -7.79
N LEU A 269 8.59 13.75 -6.50
CA LEU A 269 7.27 13.39 -6.00
C LEU A 269 6.44 14.63 -5.70
N PRO A 270 5.09 14.49 -5.79
CA PRO A 270 4.21 15.57 -5.33
C PRO A 270 4.58 16.03 -3.92
N ALA A 271 4.47 17.33 -3.67
CA ALA A 271 4.83 17.94 -2.39
C ALA A 271 4.14 17.29 -1.19
N CYS A 272 2.95 16.73 -1.40
CA CYS A 272 2.20 16.06 -0.34
C CYS A 272 2.88 14.78 0.17
N VAL A 273 3.74 14.18 -0.64
CA VAL A 273 4.45 12.98 -0.22
C VAL A 273 5.57 13.34 0.78
N TYR A 274 6.32 14.38 0.45
CA TYR A 274 7.38 14.91 1.31
C TYR A 274 6.84 15.45 2.63
N GLY A 275 5.85 16.34 2.54
CA GLY A 275 5.20 16.93 3.70
C GLY A 275 4.65 15.90 4.67
N SER A 276 3.97 14.90 4.12
CA SER A 276 3.42 13.81 4.91
C SER A 276 4.51 13.03 5.66
N ALA A 277 5.71 12.98 5.07
CA ALA A 277 6.85 12.31 5.71
C ALA A 277 7.47 13.18 6.81
N VAL A 278 7.63 14.48 6.52
CA VAL A 278 8.13 15.41 7.54
C VAL A 278 7.21 15.41 8.75
N ALA A 279 5.90 15.40 8.50
CA ALA A 279 4.89 15.44 9.55
C ALA A 279 4.91 14.17 10.40
N SER A 280 5.09 13.04 9.75
CA SER A 280 4.99 11.75 10.44
C SER A 280 6.26 11.38 11.22
N GLY A 281 7.30 12.19 11.06
CA GLY A 281 8.49 12.07 11.92
C GLY A 281 9.77 11.64 11.23
N TYR A 282 9.83 11.84 9.91
CA TYR A 282 11.01 11.50 9.14
C TYR A 282 11.88 12.73 8.96
N ASP A 283 13.18 12.57 9.21
CA ASP A 283 14.12 13.68 9.08
C ASP A 283 14.96 13.54 7.82
N PHE A 284 14.57 14.26 6.77
CA PHE A 284 15.29 14.20 5.50
C PHE A 284 16.72 14.75 5.58
N GLU A 285 16.97 15.65 6.53
CA GLU A 285 18.28 16.25 6.73
C GLU A 285 19.29 15.32 7.43
N ARG A 286 18.83 14.59 8.44
CA ARG A 286 19.68 13.63 9.16
C ARG A 286 19.90 12.34 8.37
N GLU A 287 18.90 11.94 7.60
CA GLU A 287 18.97 10.70 6.82
C GLU A 287 19.53 10.96 5.43
N GLY A 288 19.54 12.22 5.01
CA GLY A 288 19.90 12.56 3.64
C GLY A 288 18.80 12.08 2.71
N TYR A 289 18.97 12.33 1.41
CA TYR A 289 17.99 11.89 0.41
C TYR A 289 18.62 11.84 -0.97
N SER A 290 18.10 10.96 -1.82
CA SER A 290 18.58 10.84 -3.20
C SER A 290 17.42 10.88 -4.17
N LEU A 291 17.67 11.38 -5.38
CA LEU A 291 16.67 11.41 -6.44
C LEU A 291 16.84 10.24 -7.40
N VAL A 292 18.00 9.60 -7.35
CA VAL A 292 18.33 8.54 -8.30
C VAL A 292 18.59 7.19 -7.64
N GLY A 293 18.76 7.21 -6.31
CA GLY A 293 18.97 5.98 -5.55
C GLY A 293 17.68 5.34 -5.13
N ILE A 294 17.68 4.71 -3.95
CA ILE A 294 16.54 3.96 -3.44
C ILE A 294 15.45 4.84 -2.79
N ASP A 295 15.86 5.99 -2.25
CA ASP A 295 15.01 6.81 -1.38
C ASP A 295 13.57 7.09 -1.87
N PRO A 296 13.41 7.64 -3.10
CA PRO A 296 12.04 7.85 -3.60
C PRO A 296 11.20 6.57 -3.66
N PHE A 297 11.80 5.46 -4.08
CA PHE A 297 11.11 4.17 -4.04
C PHE A 297 10.71 3.82 -2.60
N ARG A 298 11.64 3.96 -1.67
CA ARG A 298 11.38 3.67 -0.26
C ARG A 298 10.31 4.57 0.35
N LEU A 299 10.37 5.86 0.00
CA LEU A 299 9.38 6.81 0.48
C LEU A 299 7.99 6.47 -0.06
N LEU A 300 7.89 6.18 -1.35
CA LEU A 300 6.61 5.80 -1.96
C LEU A 300 6.03 4.54 -1.34
N GLN A 301 6.91 3.66 -0.90
CA GLN A 301 6.55 2.40 -0.26
C GLN A 301 6.03 2.65 1.17
N ASN A 302 6.23 3.86 1.68
CA ASN A 302 5.77 4.25 3.01
C ASN A 302 4.77 5.41 2.96
N SER A 303 4.23 5.66 1.77
CA SER A 303 3.29 6.76 1.55
C SER A 303 1.97 6.26 1.01
N GLN A 304 0.94 7.09 1.16
CA GLN A 304 -0.37 6.85 0.56
C GLN A 304 -0.97 8.15 0.05
N VAL A 305 -0.98 8.29 -1.27
CA VAL A 305 -1.53 9.44 -1.94
C VAL A 305 -2.88 9.06 -2.54
N TYR A 306 -3.76 10.04 -2.66
CA TYR A 306 -5.10 9.82 -3.20
C TYR A 306 -5.30 10.62 -4.47
N SER A 307 -6.33 10.25 -5.24
CA SER A 307 -6.68 10.99 -6.45
C SER A 307 -8.20 11.06 -6.66
N LEU A 308 -8.64 12.18 -7.24
CA LEU A 308 -10.01 12.29 -7.73
C LEU A 308 -10.13 11.49 -9.01
N ILE A 309 -11.12 10.60 -9.06
CA ILE A 309 -11.35 9.74 -10.21
C ILE A 309 -12.74 9.98 -10.82
N ARG A 310 -12.77 10.12 -12.15
CA ARG A 310 -14.01 10.35 -12.88
C ARG A 310 -14.81 9.05 -13.08
N PRO A 311 -16.11 9.17 -13.36
CA PRO A 311 -17.03 8.03 -13.59
C PRO A 311 -16.45 6.86 -14.39
N ASN A 312 -15.97 7.13 -15.60
CA ASN A 312 -15.58 6.05 -16.51
C ASN A 312 -14.15 5.51 -16.29
N GLU A 313 -13.39 6.19 -15.45
CA GLU A 313 -11.95 5.94 -15.34
C GLU A 313 -11.58 4.74 -14.47
N ASN A 314 -10.54 4.03 -14.89
CA ASN A 314 -9.96 2.93 -14.12
C ASN A 314 -8.90 3.46 -13.16
N PRO A 315 -9.13 3.34 -11.84
CA PRO A 315 -8.18 3.82 -10.83
C PRO A 315 -6.78 3.22 -10.97
N ALA A 316 -6.70 1.97 -11.42
CA ALA A 316 -5.42 1.30 -11.67
C ALA A 316 -4.64 1.98 -12.79
N HIS A 317 -5.35 2.48 -13.80
CA HIS A 317 -4.71 3.20 -14.91
C HIS A 317 -4.23 4.59 -14.51
N LYS A 318 -5.04 5.28 -13.71
CA LYS A 318 -4.63 6.53 -13.08
C LYS A 318 -3.34 6.33 -12.31
N SER A 319 -3.27 5.22 -11.57
CA SER A 319 -2.12 4.87 -10.76
C SER A 319 -0.84 4.69 -11.58
N GLN A 320 -0.95 3.96 -12.70
CA GLN A 320 0.18 3.77 -13.60
C GLN A 320 0.77 5.12 -14.04
N LEU A 321 -0.12 6.03 -14.43
CA LEU A 321 0.26 7.36 -14.91
C LEU A 321 1.08 8.15 -13.90
N VAL A 322 0.65 8.15 -12.64
CA VAL A 322 1.35 8.91 -11.61
C VAL A 322 2.64 8.19 -11.18
N TRP A 323 2.64 6.85 -11.29
CA TRP A 323 3.85 6.08 -11.03
C TRP A 323 4.89 6.37 -12.08
N MET A 324 4.46 6.43 -13.34
CA MET A 324 5.35 6.73 -14.46
C MET A 324 5.98 8.10 -14.29
N ALA A 325 5.16 9.09 -13.98
CA ALA A 325 5.62 10.45 -13.75
C ALA A 325 6.58 10.53 -12.56
N CYS A 326 6.25 9.80 -11.49
CA CYS A 326 7.05 9.81 -10.27
C CYS A 326 8.50 9.39 -10.48
N HIS A 327 8.70 8.40 -11.34
CA HIS A 327 10.04 7.88 -11.63
C HIS A 327 10.48 8.22 -13.04
N SER A 328 9.99 9.35 -13.55
CA SER A 328 10.40 9.92 -14.84
C SER A 328 10.48 8.89 -15.98
N ALA A 329 9.43 8.08 -16.12
CA ALA A 329 9.49 6.89 -16.97
C ALA A 329 8.61 6.92 -18.21
N ALA A 330 8.12 8.10 -18.60
CA ALA A 330 7.27 8.25 -19.78
C ALA A 330 7.85 7.59 -21.04
N PHE A 331 9.15 7.74 -21.26
CA PHE A 331 9.79 7.24 -22.48
C PHE A 331 10.69 6.02 -22.28
N GLU A 332 10.53 5.34 -21.14
CA GLU A 332 11.19 4.05 -20.91
C GLU A 332 10.55 2.93 -21.70
N ASP A 333 11.31 1.86 -21.90
CA ASP A 333 10.78 0.60 -22.41
C ASP A 333 9.74 0.07 -21.42
N LEU A 334 8.53 -0.14 -21.92
CA LEU A 334 7.43 -0.64 -21.10
C LEU A 334 7.79 -1.95 -20.43
N ARG A 335 8.61 -2.76 -21.11
CA ARG A 335 9.11 -4.00 -20.56
C ARG A 335 9.83 -3.77 -19.21
N VAL A 336 10.77 -2.82 -19.18
CA VAL A 336 11.55 -2.58 -17.95
C VAL A 336 10.71 -1.93 -16.85
N SER A 337 9.78 -1.06 -17.23
CA SER A 337 8.86 -0.45 -16.27
C SER A 337 8.00 -1.52 -15.62
N SER A 338 7.47 -2.43 -16.43
CA SER A 338 6.59 -3.51 -15.97
C SER A 338 7.32 -4.43 -15.00
N PHE A 339 8.55 -4.79 -15.35
CA PHE A 339 9.37 -5.68 -14.54
C PHE A 339 9.67 -5.08 -13.16
N ILE A 340 9.95 -3.78 -13.13
CA ILE A 340 10.22 -3.08 -11.89
C ILE A 340 8.96 -2.95 -11.03
N ARG A 341 7.90 -2.42 -11.63
CA ARG A 341 6.67 -2.13 -10.90
C ARG A 341 6.00 -3.38 -10.32
N GLY A 342 6.03 -4.47 -11.08
CA GLY A 342 5.41 -5.72 -10.64
C GLY A 342 4.21 -6.09 -11.47
N THR A 343 3.39 -5.11 -11.81
CA THR A 343 2.25 -5.29 -12.71
C THR A 343 2.59 -4.67 -14.07
N LYS A 344 1.84 -5.07 -15.10
CA LYS A 344 2.06 -4.59 -16.47
C LYS A 344 1.89 -3.07 -16.57
N VAL A 345 2.78 -2.45 -17.33
CA VAL A 345 2.71 -1.01 -17.59
C VAL A 345 2.21 -0.82 -19.02
N VAL A 346 0.95 -0.45 -19.11
CA VAL A 346 0.18 -0.42 -20.35
C VAL A 346 0.44 0.87 -21.14
N PRO A 347 0.41 0.80 -22.49
CA PRO A 347 0.55 1.99 -23.35
C PRO A 347 -0.55 3.04 -23.13
N ARG A 348 -0.23 4.31 -23.40
CA ARG A 348 -1.16 5.42 -23.18
C ARG A 348 -2.53 5.20 -23.82
N GLY A 349 -2.54 4.68 -25.05
CA GLY A 349 -3.78 4.46 -25.80
C GLY A 349 -4.67 3.37 -25.27
N LYS A 350 -4.11 2.53 -24.40
CA LYS A 350 -4.85 1.45 -23.77
C LYS A 350 -5.22 1.80 -22.32
N LEU A 351 -4.84 3.00 -21.88
CA LEU A 351 -5.20 3.50 -20.54
C LEU A 351 -6.57 4.15 -20.55
N SER A 352 -7.49 3.59 -19.79
CA SER A 352 -8.83 4.16 -19.63
C SER A 352 -8.82 5.25 -18.56
N THR A 353 -8.08 6.32 -18.84
CA THR A 353 -7.92 7.46 -17.92
C THR A 353 -7.60 8.76 -18.66
N ARG A 354 -8.03 9.87 -18.08
CA ARG A 354 -7.59 11.18 -18.55
C ARG A 354 -6.64 11.79 -17.50
N GLY A 355 -6.22 13.02 -17.72
CA GLY A 355 -5.28 13.71 -16.85
C GLY A 355 -5.68 13.80 -15.38
N VAL A 356 -4.69 14.10 -14.54
CA VAL A 356 -4.88 14.17 -13.09
C VAL A 356 -5.75 15.36 -12.70
N GLN A 357 -5.51 16.50 -13.34
CA GLN A 357 -6.19 17.76 -13.01
C GLN A 357 -7.66 17.77 -13.46
N ILE A 358 -8.54 18.07 -12.52
CA ILE A 358 -9.96 18.17 -12.81
C ILE A 358 -10.30 19.63 -13.13
N ALA A 359 -10.72 19.86 -14.37
CA ALA A 359 -11.01 21.21 -14.88
C ALA A 359 -12.20 21.86 -14.19
N SER A 360 -12.28 23.20 -14.30
CA SER A 360 -13.35 24.00 -13.70
C SER A 360 -14.71 23.68 -14.30
N ASN A 361 -14.71 23.24 -15.56
CA ASN A 361 -15.93 22.86 -16.27
C ASN A 361 -16.68 21.73 -15.59
N GLU A 362 -16.04 20.56 -15.48
CA GLU A 362 -16.69 19.35 -14.97
C GLU A 362 -17.25 19.49 -13.56
N ASN A 363 -18.40 18.86 -13.32
CA ASN A 363 -19.13 18.97 -12.06
C ASN A 363 -18.66 17.96 -11.02
N MET A 364 -18.53 18.44 -9.79
CA MET A 364 -17.94 17.66 -8.71
C MET A 364 -18.83 16.53 -8.22
N GLU A 365 -20.13 16.64 -8.48
CA GLU A 365 -21.12 15.71 -7.95
C GLU A 365 -20.86 14.25 -8.34
N THR A 366 -20.18 14.03 -9.45
CA THR A 366 -19.86 12.69 -9.94
C THR A 366 -18.45 12.22 -9.54
N MET A 367 -17.70 13.10 -8.86
CA MET A 367 -16.32 12.80 -8.50
C MET A 367 -16.21 11.96 -7.23
N GLU A 368 -15.42 10.89 -7.33
CA GLU A 368 -15.09 10.04 -6.19
C GLU A 368 -13.57 10.02 -6.03
N SER A 369 -13.09 9.58 -4.85
CA SER A 369 -11.67 9.57 -4.56
C SER A 369 -11.11 8.16 -4.38
N SER A 370 -10.04 7.87 -5.11
CA SER A 370 -9.39 6.57 -5.06
C SER A 370 -7.96 6.67 -4.57
N THR A 371 -7.44 5.55 -4.06
CA THR A 371 -6.03 5.42 -3.68
C THR A 371 -5.18 5.19 -4.93
N LEU A 372 -4.06 5.90 -5.01
CA LEU A 372 -3.10 5.70 -6.09
C LEU A 372 -2.09 4.63 -5.69
N GLU A 373 -1.99 3.58 -6.50
CA GLU A 373 -1.02 2.52 -6.23
C GLU A 373 0.35 2.86 -6.82
N LEU A 374 1.25 3.34 -5.95
CA LEU A 374 2.52 3.90 -6.40
C LEU A 374 3.75 3.10 -5.93
N ARG A 375 3.52 1.88 -5.44
CA ARG A 375 4.59 1.01 -4.96
C ARG A 375 5.16 0.15 -6.09
N SER A 376 6.21 -0.60 -5.80
CA SER A 376 6.89 -1.42 -6.80
C SER A 376 7.29 -2.79 -6.26
N ARG A 377 7.54 -3.73 -7.17
CA ARG A 377 8.12 -5.00 -6.81
C ARG A 377 9.59 -4.80 -6.45
N TYR A 378 10.34 -4.23 -7.39
CA TYR A 378 11.76 -3.91 -7.21
C TYR A 378 12.03 -2.40 -7.32
N TRP A 379 13.30 -2.02 -7.27
CA TRP A 379 13.70 -0.68 -7.66
C TRP A 379 14.93 -0.75 -8.56
N ALA A 380 15.29 0.39 -9.14
CA ALA A 380 16.47 0.49 -9.99
C ALA A 380 17.03 1.90 -9.88
N ILE A 381 18.33 2.03 -10.10
CA ILE A 381 18.97 3.33 -10.12
C ILE A 381 18.52 4.08 -11.37
N ARG A 382 18.11 5.33 -11.20
CA ARG A 382 17.82 6.21 -12.32
C ARG A 382 19.14 6.70 -12.94
N THR A 383 19.24 6.59 -14.27
CA THR A 383 20.51 6.84 -14.96
C THR A 383 20.54 8.16 -15.75
N ARG A 384 21.76 8.68 -15.93
CA ARG A 384 22.04 9.84 -16.77
C ARG A 384 22.41 9.39 -18.19
N SER A 385 22.77 8.12 -18.33
CA SER A 385 23.27 7.58 -19.60
C SER A 385 22.19 7.38 -20.65
N GLY A 386 22.57 7.49 -21.92
CA GLY A 386 21.69 7.16 -23.03
C GLY A 386 21.93 5.75 -23.55
N GLY A 387 22.86 5.03 -22.92
CA GLY A 387 23.26 3.69 -23.34
C GLY A 387 24.56 3.73 -24.12
N ASN A 388 24.95 2.57 -24.66
CA ASN A 388 26.15 2.47 -25.49
C ASN A 388 25.94 3.14 -26.85
N THR A 389 26.83 4.06 -27.21
CA THR A 389 26.75 4.74 -28.50
C THR A 389 27.90 4.40 -29.43
N ASN A 390 29.07 4.13 -28.86
CA ASN A 390 30.24 3.81 -29.66
C ASN A 390 30.94 2.54 -29.18
N GLN A 391 32.21 2.68 -28.77
CA GLN A 391 33.09 1.57 -28.41
C GLN A 391 33.36 0.65 -29.61
N GLN A 392 32.32 -0.06 -30.07
CA GLN A 392 32.41 -1.02 -31.18
C GLN A 392 33.46 -2.11 -30.94
N ARG A 393 33.82 -2.33 -29.68
CA ARG A 393 34.85 -3.32 -29.31
C ARG A 393 34.35 -4.75 -29.53
N ALA A 394 34.71 -5.30 -30.70
CA ALA A 394 34.30 -6.63 -31.15
C ALA A 394 32.78 -6.71 -31.32
N SER A 395 32.22 -7.90 -31.06
CA SER A 395 30.78 -8.13 -31.20
C SER A 395 30.26 -9.22 -30.26
N SER A 396 30.60 -10.47 -30.58
CA SER A 396 30.08 -11.68 -29.91
C SER A 396 28.57 -11.87 -30.11
N GLY A 397 28.21 -12.82 -30.98
CA GLY A 397 26.81 -13.11 -31.30
C GLY A 397 26.63 -14.01 -32.52
N GLN A 398 25.38 -14.19 -32.92
CA GLN A 398 25.05 -15.03 -34.08
C GLN A 398 23.94 -14.41 -34.91
N ILE A 399 24.18 -14.25 -36.21
CA ILE A 399 23.25 -13.57 -37.10
C ILE A 399 22.77 -14.42 -38.29
N SER A 400 23.16 -15.70 -38.27
CA SER A 400 22.73 -16.66 -39.29
C SER A 400 22.84 -18.09 -38.75
N ILE A 401 22.34 -19.05 -39.51
CA ILE A 401 22.50 -20.47 -39.16
C ILE A 401 23.08 -21.29 -40.30
N GLN A 402 23.69 -22.42 -39.95
CA GLN A 402 24.16 -23.38 -40.94
C GLN A 402 23.33 -24.65 -40.78
N PRO A 403 22.64 -25.06 -41.86
CA PRO A 403 21.79 -26.26 -41.79
C PRO A 403 22.59 -27.53 -41.52
N THR A 404 22.18 -28.28 -40.51
CA THR A 404 22.78 -29.58 -40.20
C THR A 404 21.88 -30.71 -40.67
N PHE A 405 20.57 -30.56 -40.47
CA PHE A 405 19.63 -31.59 -40.84
C PHE A 405 18.92 -31.26 -42.15
N SER A 406 18.67 -32.28 -42.95
CA SER A 406 17.90 -32.16 -44.18
C SER A 406 16.42 -32.13 -43.84
N VAL A 407 15.92 -30.93 -43.57
CA VAL A 407 14.52 -30.74 -43.15
C VAL A 407 13.95 -29.51 -43.85
N GLN A 408 12.71 -29.62 -44.34
CA GLN A 408 12.07 -28.49 -45.00
C GLN A 408 11.81 -27.36 -44.02
N ARG A 409 12.31 -26.17 -44.35
CA ARG A 409 12.22 -25.00 -43.49
C ARG A 409 12.80 -23.76 -44.14
N ASN A 410 12.48 -22.60 -43.58
CA ASN A 410 13.20 -21.37 -43.87
C ASN A 410 14.54 -21.36 -43.12
N LEU A 411 15.49 -20.60 -43.64
CA LEU A 411 16.81 -20.48 -43.01
C LEU A 411 17.02 -19.04 -42.57
N PRO A 412 16.69 -18.73 -41.30
CA PRO A 412 16.76 -17.36 -40.80
C PRO A 412 18.14 -16.72 -40.93
N PHE A 413 18.15 -15.39 -41.06
CA PHE A 413 19.35 -14.58 -40.98
C PHE A 413 18.95 -13.14 -40.66
N ASP A 414 19.83 -12.43 -39.95
CA ASP A 414 19.61 -11.02 -39.64
C ASP A 414 19.92 -10.17 -40.87
N ARG A 415 18.89 -9.90 -41.67
CA ARG A 415 19.07 -9.21 -42.95
C ARG A 415 19.62 -7.78 -42.84
N PRO A 416 18.98 -6.92 -42.02
CA PRO A 416 19.49 -5.55 -41.94
C PRO A 416 20.97 -5.50 -41.57
N THR A 417 21.38 -6.30 -40.59
CA THR A 417 22.76 -6.33 -40.08
C THR A 417 23.78 -6.79 -41.12
N ILE A 418 23.49 -7.90 -41.81
CA ILE A 418 24.40 -8.43 -42.83
C ILE A 418 24.56 -7.43 -44.00
N MET A 419 23.43 -6.95 -44.51
CA MET A 419 23.41 -5.99 -45.62
C MET A 419 24.01 -4.63 -45.26
N ALA A 420 24.02 -4.31 -43.97
CA ALA A 420 24.52 -3.01 -43.49
C ALA A 420 25.96 -2.73 -43.91
N ALA A 421 26.84 -3.72 -43.71
CA ALA A 421 28.27 -3.56 -43.95
C ALA A 421 28.64 -3.36 -45.43
N PHE A 422 27.63 -3.25 -46.29
CA PHE A 422 27.83 -2.99 -47.72
C PHE A 422 27.32 -1.60 -48.10
N ASP A 432 30.53 15.86 -44.05
CA ASP A 432 31.45 14.79 -43.65
C ASP A 432 31.08 14.25 -42.27
N MET A 433 30.76 15.14 -41.34
CA MET A 433 30.35 14.75 -40.00
C MET A 433 28.97 14.10 -40.01
N ARG A 434 28.15 14.49 -40.99
CA ARG A 434 26.87 13.83 -41.23
C ARG A 434 27.11 12.41 -41.75
N THR A 435 28.05 12.26 -42.66
CA THR A 435 28.43 10.94 -43.19
C THR A 435 28.94 10.03 -42.08
N GLU A 436 29.79 10.58 -41.21
CA GLU A 436 30.30 9.85 -40.04
C GLU A 436 29.15 9.45 -39.10
N ILE A 437 28.18 10.33 -38.96
CA ILE A 437 27.00 10.06 -38.13
C ILE A 437 26.13 8.96 -38.73
N ILE A 438 25.78 9.12 -40.01
CA ILE A 438 24.98 8.10 -40.72
C ILE A 438 25.62 6.71 -40.60
N ARG A 439 26.91 6.60 -40.92
CA ARG A 439 27.62 5.32 -40.85
C ARG A 439 27.59 4.73 -39.44
N LEU A 440 27.60 5.62 -38.46
CA LEU A 440 27.63 5.23 -37.06
C LEU A 440 26.26 4.67 -36.61
N MET A 441 25.19 5.35 -37.00
CA MET A 441 23.85 4.90 -36.64
C MET A 441 23.35 3.76 -37.54
N GLU A 442 24.07 3.51 -38.64
CA GLU A 442 23.77 2.35 -39.50
C GLU A 442 24.37 1.08 -38.92
N SER A 443 25.36 1.24 -38.03
CA SER A 443 26.02 0.13 -37.34
C SER A 443 25.21 -0.36 -36.14
N ALA A 444 24.32 0.49 -35.64
CA ALA A 444 23.56 0.16 -34.44
C ALA A 444 22.42 -0.80 -34.76
N ARG A 445 22.25 -1.78 -33.88
CA ARG A 445 21.18 -2.76 -34.00
C ARG A 445 20.28 -2.65 -32.77
N PRO A 446 18.96 -2.79 -32.95
CA PRO A 446 18.05 -2.81 -31.79
C PRO A 446 18.37 -3.91 -30.79
N GLU A 447 19.13 -4.92 -31.23
CA GLU A 447 19.49 -6.07 -30.42
C GLU A 447 20.63 -5.80 -29.46
N ASP A 448 21.34 -4.68 -29.68
CA ASP A 448 22.53 -4.36 -28.90
C ASP A 448 22.17 -4.07 -27.45
N VAL A 449 22.97 -4.60 -26.53
CA VAL A 449 22.73 -4.46 -25.09
C VAL A 449 23.50 -3.30 -24.46
N SER A 450 22.76 -2.44 -23.77
CA SER A 450 23.36 -1.37 -22.97
C SER A 450 23.24 -1.71 -21.49
N PHE A 451 24.03 -1.02 -20.67
CA PHE A 451 24.06 -1.20 -19.21
C PHE A 451 24.44 -2.63 -18.80
N GLN A 452 25.47 -3.18 -19.44
CA GLN A 452 25.98 -4.51 -19.11
C GLN A 452 26.24 -4.66 -17.60
N GLY A 453 25.70 -5.71 -16.99
CA GLY A 453 25.98 -6.01 -15.60
C GLY A 453 25.02 -5.40 -14.59
N ARG A 454 24.44 -4.26 -14.94
CA ARG A 454 23.56 -3.53 -14.04
C ARG A 454 22.15 -4.09 -14.07
N GLY A 455 21.50 -4.13 -12.90
CA GLY A 455 20.16 -4.70 -12.78
C GLY A 455 19.29 -4.08 -11.70
N VAL A 456 18.11 -4.64 -11.49
CA VAL A 456 17.18 -4.17 -10.47
C VAL A 456 17.57 -4.69 -9.08
N PHE A 457 16.99 -4.10 -8.04
CA PHE A 457 17.28 -4.49 -6.65
C PHE A 457 16.02 -4.67 -5.82
N GLU A 458 16.13 -5.52 -4.80
CA GLU A 458 15.06 -5.72 -3.83
C GLU A 458 14.91 -4.43 -3.02
N LEU A 459 13.72 -4.23 -2.45
CA LEU A 459 13.45 -3.04 -1.66
C LEU A 459 14.26 -2.98 -0.36
N SER A 460 14.82 -4.12 0.05
CA SER A 460 15.64 -4.19 1.26
C SER A 460 17.13 -3.95 1.00
N ASP A 461 17.54 -4.08 -0.26
CA ASP A 461 18.93 -3.84 -0.67
C ASP A 461 19.15 -2.35 -0.94
N GLU A 462 19.41 -1.60 0.14
CA GLU A 462 19.58 -0.15 0.10
C GLU A 462 20.92 0.26 -0.51
N LYS A 463 21.91 -0.62 -0.39
CA LYS A 463 23.26 -0.33 -0.84
C LYS A 463 23.55 -0.89 -2.23
N ALA A 464 22.48 -1.31 -2.91
CA ALA A 464 22.55 -1.88 -4.27
C ALA A 464 23.64 -2.95 -4.41
N THR A 465 23.62 -3.90 -3.48
CA THR A 465 24.62 -4.97 -3.40
C THR A 465 24.40 -6.06 -4.45
N SER A 466 23.16 -6.53 -4.57
CA SER A 466 22.84 -7.69 -5.39
C SER A 466 21.91 -7.33 -6.55
N PRO A 467 22.48 -7.08 -7.74
CA PRO A 467 21.65 -6.75 -8.89
C PRO A 467 20.97 -7.98 -9.51
N ILE A 468 19.67 -7.86 -9.77
CA ILE A 468 18.92 -8.86 -10.50
C ILE A 468 18.84 -8.41 -11.96
N VAL A 469 19.43 -9.19 -12.86
CA VAL A 469 19.34 -8.92 -14.30
C VAL A 469 18.13 -9.64 -14.88
N PRO A 470 17.15 -8.88 -15.41
CA PRO A 470 15.90 -9.42 -15.96
C PRO A 470 16.07 -10.18 -17.26
N SER A 471 15.15 -11.13 -17.50
CA SER A 471 15.11 -11.91 -18.73
C SER A 471 14.05 -11.35 -19.67
N PHE A 472 14.45 -11.05 -20.90
CA PHE A 472 13.54 -10.52 -21.91
C PHE A 472 13.47 -11.42 -23.14
N GLY A 478 5.55 -4.97 -26.39
CA GLY A 478 5.36 -3.54 -26.47
C GLY A 478 6.38 -2.76 -25.65
N SER A 479 7.06 -1.84 -26.29
CA SER A 479 8.11 -1.04 -25.66
C SER A 479 7.77 0.44 -25.48
N TYR A 480 6.96 0.97 -26.40
CA TYR A 480 6.67 2.40 -26.44
C TYR A 480 5.35 2.75 -25.78
N PHE A 481 5.40 3.71 -24.87
CA PHE A 481 4.21 4.23 -24.19
C PHE A 481 3.30 4.99 -25.15
N PHE A 482 3.90 5.68 -26.11
CA PHE A 482 3.15 6.51 -27.05
C PHE A 482 2.98 5.89 -28.44
N GLY A 483 3.31 4.61 -28.57
CA GLY A 483 3.20 3.93 -29.86
C GLY A 483 1.89 3.15 -30.05
N ASP A 484 0.78 3.77 -29.68
CA ASP A 484 -0.52 3.09 -29.75
C ASP A 484 -1.67 4.10 -29.89
N ASN A 485 -1.76 4.72 -31.06
CA ASN A 485 -2.85 5.66 -31.35
C ASN A 485 -3.64 5.27 -32.60
N ALA A 486 -4.54 6.15 -33.02
CA ALA A 486 -5.44 5.90 -34.15
C ALA A 486 -4.74 5.97 -35.52
N GLU A 487 -3.51 6.46 -35.54
CA GLU A 487 -2.76 6.61 -36.80
C GLU A 487 -1.61 5.61 -36.95
N GLU A 488 -1.10 5.10 -35.82
CA GLU A 488 0.05 4.19 -35.80
C GLU A 488 -0.11 3.08 -34.77
N TYR A 489 0.35 1.87 -35.13
CA TYR A 489 0.44 0.76 -34.16
C TYR A 489 1.90 0.34 -34.00
N ASP A 490 2.56 0.88 -32.97
CA ASP A 490 3.98 0.59 -32.73
C ASP A 490 4.17 -0.33 -31.52
N ALA B 15 -29.78 -0.98 11.49
CA ALA B 15 -29.98 0.48 11.77
C ALA B 15 -28.69 1.26 11.61
N THR B 16 -28.83 2.54 11.26
CA THR B 16 -27.70 3.47 11.23
C THR B 16 -27.27 3.83 12.65
N GLU B 17 -28.18 3.62 13.61
CA GLU B 17 -27.92 3.93 15.01
C GLU B 17 -26.99 2.92 15.68
N ILE B 18 -27.12 1.65 15.32
CA ILE B 18 -26.20 0.60 15.77
C ILE B 18 -24.82 0.87 15.18
N ARG B 19 -24.82 1.38 13.95
CA ARG B 19 -23.62 1.77 13.23
C ARG B 19 -22.97 3.01 13.86
N ALA B 20 -23.79 3.85 14.50
CA ALA B 20 -23.30 5.05 15.16
C ALA B 20 -22.80 4.74 16.57
N SER B 21 -23.40 3.71 17.18
CA SER B 21 -22.97 3.24 18.50
C SER B 21 -21.57 2.64 18.41
N VAL B 22 -21.34 1.83 17.37
CA VAL B 22 -20.04 1.21 17.15
C VAL B 22 -19.00 2.25 16.76
N GLY B 23 -19.38 3.17 15.88
CA GLY B 23 -18.51 4.25 15.44
C GLY B 23 -18.03 5.15 16.58
N LYS B 24 -18.90 5.36 17.56
CA LYS B 24 -18.59 6.15 18.75
C LYS B 24 -17.45 5.56 19.57
N MET B 25 -17.40 4.24 19.69
CA MET B 25 -16.35 3.61 20.47
C MET B 25 -15.02 3.58 19.74
N ILE B 26 -15.06 3.47 18.40
CA ILE B 26 -13.85 3.54 17.58
C ILE B 26 -13.20 4.92 17.67
N ASP B 27 -14.02 5.97 17.67
CA ASP B 27 -13.56 7.33 17.95
C ASP B 27 -12.87 7.37 19.32
N GLY B 28 -13.45 6.67 20.29
CA GLY B 28 -12.91 6.60 21.65
C GLY B 28 -11.51 6.02 21.71
N ILE B 29 -11.34 4.80 21.22
CA ILE B 29 -10.03 4.15 21.12
C ILE B 29 -9.07 5.06 20.36
N GLY B 30 -9.54 5.53 19.19
CA GLY B 30 -8.78 6.47 18.37
C GLY B 30 -8.20 7.61 19.18
N ARG B 31 -9.09 8.42 19.77
CA ARG B 31 -8.70 9.58 20.57
C ARG B 31 -7.76 9.19 21.70
N PHE B 32 -8.09 8.13 22.41
CA PHE B 32 -7.26 7.64 23.51
C PHE B 32 -5.83 7.36 23.06
N TYR B 33 -5.71 6.68 21.92
CA TYR B 33 -4.40 6.34 21.38
C TYR B 33 -3.63 7.58 20.95
N ILE B 34 -4.33 8.54 20.35
CA ILE B 34 -3.73 9.80 19.95
C ILE B 34 -3.11 10.47 21.17
N GLN B 35 -3.90 10.65 22.22
CA GLN B 35 -3.45 11.28 23.44
C GLN B 35 -2.28 10.54 24.09
N MET B 36 -2.41 9.22 24.17
CA MET B 36 -1.36 8.36 24.70
C MET B 36 -0.03 8.57 23.98
N CYS B 37 -0.08 8.68 22.66
CA CYS B 37 1.13 8.88 21.85
C CYS B 37 1.83 10.20 22.12
N THR B 38 1.06 11.28 22.30
CA THR B 38 1.67 12.59 22.57
C THR B 38 2.21 12.67 24.00
N GLU B 39 1.62 11.88 24.90
CA GLU B 39 2.12 11.75 26.28
C GLU B 39 3.46 11.04 26.29
N LEU B 40 3.60 10.03 25.43
CA LEU B 40 4.83 9.26 25.33
C LEU B 40 5.81 9.90 24.33
N LYS B 41 5.41 11.05 23.79
CA LYS B 41 6.20 11.78 22.79
C LYS B 41 6.62 10.88 21.64
N LEU B 42 5.71 10.01 21.22
CA LEU B 42 5.98 9.10 20.10
C LEU B 42 5.70 9.77 18.78
N SER B 43 6.58 9.49 17.81
CA SER B 43 6.39 9.89 16.43
C SER B 43 5.16 9.18 15.85
N ASP B 44 4.62 9.73 14.77
CA ASP B 44 3.50 9.10 14.07
C ASP B 44 3.87 7.69 13.62
N TYR B 45 5.03 7.56 12.96
CA TYR B 45 5.57 6.25 12.56
C TYR B 45 5.71 5.31 13.75
N GLU B 46 6.36 5.79 14.82
CA GLU B 46 6.53 5.02 16.05
C GLU B 46 5.19 4.63 16.65
N GLY B 47 4.24 5.55 16.58
CA GLY B 47 2.87 5.30 17.03
C GLY B 47 2.19 4.18 16.27
N ARG B 48 2.55 4.04 14.99
CA ARG B 48 1.95 3.03 14.12
C ARG B 48 2.71 1.69 14.12
N LEU B 49 3.66 1.56 15.03
CA LEU B 49 4.36 0.30 15.24
C LEU B 49 3.49 -0.57 16.13
N ILE B 50 3.14 -1.75 15.62
CA ILE B 50 2.20 -2.68 16.28
C ILE B 50 2.61 -3.00 17.73
N GLN B 51 3.90 -3.14 17.97
CA GLN B 51 4.44 -3.47 19.30
C GLN B 51 4.13 -2.38 20.33
N ASN B 52 4.20 -1.12 19.92
CA ASN B 52 3.83 0.00 20.76
C ASN B 52 2.34 0.04 21.02
N SER B 53 1.56 -0.18 19.96
CA SER B 53 0.11 -0.24 20.07
C SER B 53 -0.30 -1.26 21.13
N LEU B 54 0.32 -2.44 21.09
CA LEU B 54 0.06 -3.50 22.07
C LEU B 54 0.31 -3.08 23.52
N THR B 55 1.46 -2.44 23.77
CA THR B 55 1.80 -1.95 25.10
C THR B 55 0.75 -0.95 25.60
N ILE B 56 0.48 0.07 24.79
CA ILE B 56 -0.53 1.10 25.08
C ILE B 56 -1.89 0.46 25.36
N GLU B 57 -2.32 -0.46 24.49
CA GLU B 57 -3.53 -1.24 24.71
C GLU B 57 -3.51 -2.00 26.03
N ARG B 58 -2.35 -2.58 26.37
CA ARG B 58 -2.19 -3.35 27.61
C ARG B 58 -2.20 -2.46 28.85
N MET B 59 -1.79 -1.21 28.69
CA MET B 59 -1.74 -0.26 29.80
C MET B 59 -3.12 0.12 30.35
N VAL B 60 -4.05 0.49 29.45
CA VAL B 60 -5.44 0.78 29.85
C VAL B 60 -6.08 -0.41 30.55
N LEU B 61 -5.92 -1.59 29.97
CA LEU B 61 -6.55 -2.80 30.49
C LEU B 61 -6.05 -3.15 31.88
N SER B 62 -4.77 -2.88 32.14
CA SER B 62 -4.20 -3.05 33.47
C SER B 62 -4.78 -2.02 34.45
N ALA B 63 -4.94 -0.78 33.97
CA ALA B 63 -5.49 0.30 34.78
C ALA B 63 -6.93 0.06 35.21
N PHE B 64 -7.70 -0.64 34.38
CA PHE B 64 -9.10 -0.98 34.68
C PHE B 64 -9.28 -2.41 35.17
N ASP B 65 -8.17 -3.12 35.38
CA ASP B 65 -8.22 -4.47 35.92
C ASP B 65 -8.58 -4.41 37.41
N GLU B 66 -9.84 -4.68 37.69
CA GLU B 66 -10.38 -4.57 39.05
C GLU B 66 -9.72 -5.56 40.01
N ARG B 67 -9.66 -6.83 39.62
CA ARG B 67 -9.08 -7.88 40.45
C ARG B 67 -7.64 -7.58 40.88
N ARG B 68 -6.84 -7.08 39.94
CA ARG B 68 -5.43 -6.79 40.19
C ARG B 68 -5.24 -5.59 41.13
N ASN B 69 -5.98 -4.52 40.88
CA ASN B 69 -5.84 -3.29 41.67
C ASN B 69 -6.37 -3.43 43.10
N LYS B 70 -7.48 -4.15 43.25
CA LYS B 70 -8.03 -4.48 44.56
C LYS B 70 -7.03 -5.28 45.38
N TYR B 71 -6.38 -6.24 44.70
CA TYR B 71 -5.32 -7.05 45.30
C TYR B 71 -4.11 -6.21 45.72
N LEU B 72 -3.65 -5.34 44.83
CA LEU B 72 -2.48 -4.49 45.09
C LEU B 72 -2.74 -3.47 46.22
N GLU B 73 -4.02 -3.16 46.42
CA GLU B 73 -4.46 -2.35 47.55
C GLU B 73 -4.52 -3.22 48.82
N GLU B 74 -5.06 -4.43 48.67
CA GLU B 74 -5.24 -5.35 49.79
C GLU B 74 -3.96 -6.05 50.25
N HIS B 75 -2.98 -6.14 49.36
CA HIS B 75 -1.70 -6.81 49.67
C HIS B 75 -0.50 -5.93 49.35
N PRO B 82 2.88 -0.12 42.55
CA PRO B 82 1.49 -0.60 42.58
C PRO B 82 0.53 0.37 41.89
N LYS B 83 0.79 1.66 42.03
CA LYS B 83 -0.02 2.69 41.38
C LYS B 83 0.29 2.76 39.89
N LYS B 84 1.55 2.48 39.54
CA LYS B 84 2.02 2.59 38.16
C LYS B 84 1.85 1.29 37.37
N THR B 85 1.74 1.43 36.05
CA THR B 85 1.66 0.29 35.14
C THR B 85 2.54 0.55 33.91
N GLY B 86 3.07 -0.52 33.33
CA GLY B 86 4.06 -0.38 32.27
C GLY B 86 3.99 -1.31 31.08
N GLY B 87 5.15 -1.59 30.52
CA GLY B 87 5.28 -2.38 29.29
C GLY B 87 6.31 -1.72 28.40
N PRO B 88 6.88 -2.47 27.44
CA PRO B 88 7.93 -1.92 26.58
C PRO B 88 7.42 -0.93 25.52
N ILE B 89 8.03 0.25 25.49
CA ILE B 89 7.83 1.22 24.43
C ILE B 89 9.08 1.24 23.56
N TYR B 90 8.88 1.36 22.25
CA TYR B 90 9.96 1.23 21.27
C TYR B 90 10.20 2.51 20.48
N ARG B 91 11.44 2.97 20.50
CA ARG B 91 11.83 4.19 19.77
C ARG B 91 13.02 3.95 18.85
N ARG B 92 13.11 4.76 17.81
CA ARG B 92 14.28 4.76 16.94
C ARG B 92 15.21 5.90 17.33
N VAL B 93 16.33 5.52 17.96
CA VAL B 93 17.35 6.47 18.39
C VAL B 93 18.70 6.09 17.77
N ASP B 94 19.40 7.09 17.25
CA ASP B 94 20.69 6.91 16.59
C ASP B 94 20.70 5.77 15.56
N GLY B 95 19.71 5.81 14.66
CA GLY B 95 19.58 4.83 13.58
C GLY B 95 19.26 3.40 14.01
N LYS B 96 18.96 3.23 15.30
CA LYS B 96 18.70 1.91 15.86
C LYS B 96 17.43 1.88 16.69
N TRP B 97 16.75 0.73 16.70
CA TRP B 97 15.58 0.51 17.53
C TRP B 97 15.96 0.23 18.98
N ARG B 98 15.49 1.09 19.88
CA ARG B 98 15.73 0.95 21.31
C ARG B 98 14.44 0.56 22.02
N ARG B 99 14.56 -0.30 23.03
CA ARG B 99 13.42 -0.65 23.89
C ARG B 99 13.58 0.01 25.24
N GLU B 100 12.46 0.32 25.89
CA GLU B 100 12.48 0.92 27.23
C GLU B 100 11.25 0.51 28.02
N LEU B 101 11.47 0.20 29.30
CA LEU B 101 10.36 -0.01 30.23
C LEU B 101 9.89 1.36 30.69
N ILE B 102 8.62 1.65 30.46
CA ILE B 102 8.00 2.90 30.88
C ILE B 102 6.89 2.62 31.89
N LEU B 103 7.05 3.18 33.10
CA LEU B 103 6.00 3.11 34.10
C LEU B 103 5.16 4.38 34.07
N TYR B 104 3.85 4.22 34.16
CA TYR B 104 2.93 5.36 34.20
C TYR B 104 1.79 5.12 35.20
N ASP B 105 1.39 6.20 35.87
CA ASP B 105 0.31 6.18 36.86
C ASP B 105 -1.00 5.68 36.26
N LYS B 106 -1.57 4.64 36.88
CA LYS B 106 -2.78 4.00 36.36
C LYS B 106 -4.00 4.93 36.39
N GLU B 107 -4.05 5.82 37.40
CA GLU B 107 -5.15 6.78 37.53
C GLU B 107 -5.16 7.79 36.38
N GLU B 108 -3.98 8.26 36.00
CA GLU B 108 -3.87 9.20 34.87
C GLU B 108 -4.31 8.53 33.56
N ILE B 109 -3.96 7.26 33.38
CA ILE B 109 -4.38 6.48 32.20
C ILE B 109 -5.92 6.38 32.12
N ARG B 110 -6.55 6.10 33.26
CA ARG B 110 -8.01 6.04 33.37
C ARG B 110 -8.68 7.38 33.06
N ARG B 111 -8.06 8.47 33.51
CA ARG B 111 -8.53 9.81 33.21
C ARG B 111 -8.47 10.07 31.71
N ILE B 112 -7.35 9.70 31.08
CA ILE B 112 -7.16 9.85 29.63
C ILE B 112 -8.19 9.04 28.84
N TRP B 113 -8.48 7.83 29.31
CA TRP B 113 -9.49 6.99 28.67
C TRP B 113 -10.88 7.63 28.75
N ARG B 114 -11.30 8.01 29.95
CA ARG B 114 -12.59 8.66 30.17
C ARG B 114 -12.71 9.95 29.38
N GLN B 115 -11.66 10.78 29.41
CA GLN B 115 -11.60 12.01 28.62
C GLN B 115 -11.76 11.71 27.12
N ALA B 116 -11.09 10.66 26.66
CA ALA B 116 -11.20 10.24 25.26
C ALA B 116 -12.58 9.69 24.91
N ASN B 117 -13.28 9.18 25.90
CA ASN B 117 -14.63 8.64 25.71
C ASN B 117 -15.72 9.54 26.29
N ASN B 118 -15.40 10.83 26.43
CA ASN B 118 -16.33 11.87 26.90
C ASN B 118 -16.90 11.64 28.30
N GLY B 119 -16.03 11.32 29.25
CA GLY B 119 -16.41 11.20 30.65
C GLY B 119 -17.03 9.88 31.04
N ASP B 120 -17.14 8.95 30.08
CA ASP B 120 -17.69 7.62 30.34
C ASP B 120 -16.61 6.60 30.60
N ASP B 121 -16.95 5.58 31.38
CA ASP B 121 -16.05 4.46 31.63
C ASP B 121 -15.87 3.65 30.35
N ALA B 122 -16.95 3.54 29.57
CA ALA B 122 -16.94 2.90 28.24
C ALA B 122 -16.26 1.54 28.21
N THR B 123 -16.86 0.56 28.88
CA THR B 123 -16.33 -0.79 28.97
C THR B 123 -16.24 -1.50 27.61
N ALA B 124 -17.12 -1.12 26.69
CA ALA B 124 -17.20 -1.76 25.36
C ALA B 124 -15.92 -1.54 24.54
N GLY B 125 -15.35 -0.34 24.65
CA GLY B 125 -14.10 -0.01 23.99
C GLY B 125 -12.93 -0.83 24.52
N LEU B 126 -12.90 -1.02 25.83
CA LEU B 126 -11.92 -1.90 26.46
C LEU B 126 -12.07 -3.34 25.96
N THR B 127 -13.30 -3.84 25.97
CA THR B 127 -13.61 -5.20 25.52
C THR B 127 -13.24 -5.40 24.05
N HIS B 128 -13.43 -4.37 23.24
CA HIS B 128 -13.05 -4.40 21.83
C HIS B 128 -11.55 -4.69 21.67
N MET B 129 -10.73 -3.98 22.43
CA MET B 129 -9.28 -4.16 22.41
C MET B 129 -8.87 -5.53 22.93
N MET B 130 -9.69 -6.06 23.85
CA MET B 130 -9.47 -7.40 24.39
C MET B 130 -9.76 -8.47 23.36
N ILE B 131 -10.81 -8.28 22.56
CA ILE B 131 -11.16 -9.22 21.49
C ILE B 131 -10.06 -9.25 20.44
N TRP B 132 -9.52 -8.08 20.11
CA TRP B 132 -8.37 -7.97 19.22
C TRP B 132 -7.21 -8.84 19.72
N HIS B 133 -6.81 -8.63 20.97
CA HIS B 133 -5.73 -9.41 21.58
C HIS B 133 -6.04 -10.91 21.56
N SER B 134 -7.30 -11.25 21.83
CA SER B 134 -7.75 -12.63 21.76
C SER B 134 -7.61 -13.22 20.35
N ASN B 135 -8.04 -12.46 19.34
CA ASN B 135 -7.88 -12.86 17.95
C ASN B 135 -6.41 -13.07 17.58
N LEU B 136 -5.54 -12.25 18.18
CA LEU B 136 -4.10 -12.36 17.97
C LEU B 136 -3.53 -13.62 18.62
N ASN B 137 -3.97 -13.93 19.83
CA ASN B 137 -3.56 -15.15 20.53
C ASN B 137 -3.93 -16.40 19.74
N ASP B 138 -5.13 -16.40 19.18
CA ASP B 138 -5.64 -17.52 18.39
C ASP B 138 -4.89 -17.68 17.06
N ALA B 139 -4.31 -16.59 16.56
CA ALA B 139 -3.52 -16.62 15.34
C ALA B 139 -2.08 -17.07 15.60
N THR B 140 -1.55 -16.71 16.76
CA THR B 140 -0.13 -16.94 17.05
C THR B 140 0.17 -18.38 17.49
N TYR B 141 -0.59 -18.89 18.45
CA TYR B 141 -0.27 -20.18 19.05
C TYR B 141 -1.46 -21.13 19.25
N GLN B 142 -1.22 -22.41 19.00
CA GLN B 142 -2.18 -23.47 19.32
C GLN B 142 -2.06 -23.80 20.81
N ARG B 143 -3.20 -23.84 21.49
CA ARG B 143 -3.23 -24.01 22.94
C ARG B 143 -3.61 -25.43 23.38
N THR B 144 -2.68 -26.36 23.22
CA THR B 144 -2.91 -27.77 23.52
C THR B 144 -2.86 -28.12 25.01
N ARG B 145 -2.12 -27.33 25.80
CA ARG B 145 -1.93 -27.61 27.22
C ARG B 145 -3.20 -27.37 28.06
N ALA B 146 -3.89 -26.27 27.81
CA ALA B 146 -5.13 -25.93 28.52
C ALA B 146 -6.22 -26.98 28.27
N LEU B 147 -6.29 -27.48 27.04
CA LEU B 147 -7.26 -28.50 26.66
C LEU B 147 -6.97 -29.84 27.36
N VAL B 148 -5.70 -30.23 27.36
CA VAL B 148 -5.26 -31.47 28.01
C VAL B 148 -5.50 -31.46 29.51
N ARG B 149 -5.21 -30.31 30.15
CA ARG B 149 -5.41 -30.14 31.59
C ARG B 149 -6.88 -30.15 31.98
N THR B 150 -7.74 -29.68 31.08
CA THR B 150 -9.18 -29.67 31.30
C THR B 150 -9.79 -31.06 31.08
N GLY B 151 -9.14 -31.85 30.23
CA GLY B 151 -9.61 -33.20 29.90
C GLY B 151 -9.90 -33.41 28.42
N MET B 152 -10.14 -32.31 27.70
CA MET B 152 -10.48 -32.38 26.27
C MET B 152 -9.28 -32.67 25.36
N ASP B 153 -9.57 -33.02 24.11
CA ASP B 153 -8.54 -33.34 23.11
C ASP B 153 -7.87 -32.08 22.57
N PRO B 154 -6.54 -32.14 22.31
CA PRO B 154 -5.80 -31.01 21.75
C PRO B 154 -6.25 -30.66 20.33
N ARG B 155 -6.89 -31.62 19.66
CA ARG B 155 -7.36 -31.45 18.29
C ARG B 155 -8.61 -30.56 18.21
N MET B 156 -9.18 -30.24 19.37
CA MET B 156 -10.38 -29.41 19.48
C MET B 156 -10.06 -27.92 19.50
N CYS B 157 -8.98 -27.52 18.83
CA CYS B 157 -8.52 -26.13 18.87
C CYS B 157 -9.39 -25.17 18.06
N SER B 158 -10.05 -25.69 17.03
CA SER B 158 -10.90 -24.87 16.15
C SER B 158 -12.17 -24.38 16.85
N LEU B 159 -12.38 -24.84 18.08
CA LEU B 159 -13.52 -24.44 18.89
C LEU B 159 -13.09 -23.54 20.06
N MET B 160 -11.85 -23.08 20.02
CA MET B 160 -11.25 -22.41 21.19
C MET B 160 -11.20 -20.89 21.12
N GLN B 161 -11.83 -20.30 20.10
CA GLN B 161 -11.88 -18.84 19.99
C GLN B 161 -12.34 -18.21 21.30
N GLY B 162 -11.56 -17.25 21.78
CA GLY B 162 -11.90 -16.51 22.99
C GLY B 162 -11.56 -17.21 24.31
N SER B 163 -10.72 -18.24 24.23
CA SER B 163 -10.32 -18.97 25.43
C SER B 163 -9.41 -18.15 26.35
N THR B 164 -8.59 -17.29 25.75
CA THR B 164 -7.67 -16.44 26.49
C THR B 164 -8.33 -15.19 27.07
N LEU B 165 -9.61 -15.00 26.75
CA LEU B 165 -10.42 -13.94 27.34
C LEU B 165 -10.84 -14.35 28.76
N PRO B 166 -11.13 -13.35 29.63
CA PRO B 166 -11.67 -13.65 30.95
C PRO B 166 -13.13 -14.13 30.91
N ARG B 167 -13.60 -14.72 31.99
CA ARG B 167 -14.99 -15.20 32.10
C ARG B 167 -16.00 -14.05 32.12
N ARG B 168 -15.73 -13.04 32.95
CA ARG B 168 -16.54 -11.81 32.93
C ARG B 168 -15.95 -10.88 31.88
N SER B 169 -16.41 -11.04 30.64
CA SER B 169 -15.87 -10.32 29.50
C SER B 169 -16.85 -9.32 28.89
N GLY B 170 -18.15 -9.56 29.09
CA GLY B 170 -19.18 -8.64 28.61
C GLY B 170 -20.03 -9.22 27.50
N ALA B 171 -20.76 -8.33 26.82
CA ALA B 171 -21.73 -8.72 25.80
C ALA B 171 -21.07 -9.23 24.50
N ALA B 172 -20.10 -8.47 23.99
CA ALA B 172 -19.42 -8.85 22.76
C ALA B 172 -18.43 -10.00 22.97
N GLY B 173 -17.76 -9.99 24.12
CA GLY B 173 -16.81 -11.02 24.51
C GLY B 173 -17.43 -12.39 24.61
N ALA B 174 -18.71 -12.42 24.99
CA ALA B 174 -19.48 -13.67 25.10
C ALA B 174 -19.82 -14.23 23.72
N ALA B 175 -20.16 -13.34 22.78
CA ALA B 175 -20.52 -13.74 21.41
C ALA B 175 -19.32 -14.30 20.64
N VAL B 176 -18.14 -13.78 20.94
CA VAL B 176 -16.91 -14.15 20.25
C VAL B 176 -16.40 -15.54 20.68
N LYS B 177 -16.66 -15.91 21.92
CA LYS B 177 -16.21 -17.20 22.48
C LYS B 177 -16.79 -18.40 21.74
N GLY B 178 -15.90 -19.34 21.38
CA GLY B 178 -16.30 -20.56 20.68
C GLY B 178 -16.96 -21.59 21.59
N VAL B 179 -17.45 -22.67 20.98
CA VAL B 179 -18.13 -23.75 21.72
C VAL B 179 -17.22 -24.44 22.72
N GLY B 180 -15.99 -24.75 22.30
CA GLY B 180 -15.00 -25.44 23.14
C GLY B 180 -14.46 -24.58 24.27
N THR B 181 -14.52 -23.26 24.09
CA THR B 181 -14.16 -22.31 25.13
C THR B 181 -15.15 -22.42 26.28
N MET B 182 -16.45 -22.37 25.94
CA MET B 182 -17.52 -22.44 26.93
C MET B 182 -17.50 -23.78 27.66
N VAL B 183 -17.29 -24.86 26.91
CA VAL B 183 -17.18 -26.20 27.49
C VAL B 183 -16.06 -26.27 28.51
N MET B 184 -14.90 -25.70 28.16
CA MET B 184 -13.74 -25.64 29.04
C MET B 184 -14.03 -24.79 30.28
N GLU B 185 -14.67 -23.64 30.07
CA GLU B 185 -15.03 -22.73 31.15
C GLU B 185 -16.04 -23.35 32.12
N LEU B 186 -16.99 -24.10 31.57
CA LEU B 186 -18.00 -24.78 32.37
C LEU B 186 -17.44 -26.03 33.04
N ILE B 187 -16.59 -26.77 32.31
CA ILE B 187 -15.97 -27.98 32.83
C ILE B 187 -14.96 -27.70 33.95
N ARG B 188 -14.35 -26.52 33.90
CA ARG B 188 -13.43 -26.09 34.95
C ARG B 188 -14.17 -25.84 36.26
N MET B 189 -15.36 -25.25 36.15
CA MET B 189 -16.21 -24.96 37.31
C MET B 189 -16.77 -26.23 37.94
N ILE B 190 -17.21 -27.15 37.09
CA ILE B 190 -17.72 -28.45 37.53
C ILE B 190 -16.65 -29.20 38.34
N LYS B 191 -15.43 -29.23 37.81
CA LYS B 191 -14.30 -29.85 38.49
C LYS B 191 -13.91 -29.11 39.77
N ARG B 192 -14.30 -27.84 39.88
CA ARG B 192 -14.01 -27.04 41.06
C ARG B 192 -15.08 -27.24 42.13
N ARG B 207 -24.44 -17.79 44.07
CA ARG B 207 -23.28 -17.08 43.55
C ARG B 207 -22.69 -17.77 42.33
N THR B 208 -22.15 -18.98 42.53
CA THR B 208 -21.55 -19.76 41.45
C THR B 208 -22.61 -20.38 40.54
N ARG B 209 -23.76 -20.72 41.11
CA ARG B 209 -24.88 -21.30 40.36
C ARG B 209 -25.48 -20.33 39.34
N ILE B 210 -25.57 -19.05 39.73
CA ILE B 210 -26.06 -17.99 38.83
C ILE B 210 -25.16 -17.85 37.60
N ALA B 211 -23.84 -17.90 37.83
CA ALA B 211 -22.86 -17.88 36.75
C ALA B 211 -22.88 -19.18 35.95
N TYR B 212 -23.20 -20.28 36.62
CA TYR B 212 -23.30 -21.60 36.01
C TYR B 212 -24.45 -21.67 35.00
N GLU B 213 -25.63 -21.23 35.44
CA GLU B 213 -26.82 -21.21 34.58
C GLU B 213 -26.67 -20.25 33.41
N ARG B 214 -26.04 -19.10 33.65
CA ARG B 214 -25.81 -18.09 32.62
C ARG B 214 -24.85 -18.60 31.53
N MET B 215 -23.75 -19.23 31.96
CA MET B 215 -22.75 -19.77 31.05
C MET B 215 -23.30 -20.93 30.23
N CYS B 216 -24.17 -21.72 30.85
CA CYS B 216 -24.88 -22.82 30.15
C CYS B 216 -25.82 -22.26 29.09
N ASN B 217 -26.60 -21.24 29.46
CA ASN B 217 -27.51 -20.56 28.54
C ASN B 217 -26.78 -19.88 27.39
N ILE B 218 -25.64 -19.27 27.70
CA ILE B 218 -24.76 -18.66 26.69
C ILE B 218 -24.17 -19.72 25.76
N LEU B 219 -23.94 -20.92 26.30
CA LEU B 219 -23.51 -22.07 25.50
C LEU B 219 -24.68 -22.70 24.76
N LYS B 220 -25.85 -22.69 25.39
CA LYS B 220 -27.08 -23.24 24.80
C LYS B 220 -27.51 -22.47 23.56
N GLY B 221 -27.31 -21.15 23.59
CA GLY B 221 -27.64 -20.28 22.47
C GLY B 221 -26.66 -20.39 21.30
N LYS B 222 -25.56 -21.11 21.52
CA LYS B 222 -24.54 -21.28 20.49
C LYS B 222 -24.80 -22.49 19.59
N PHE B 223 -25.50 -23.49 20.12
CA PHE B 223 -25.85 -24.69 19.34
C PHE B 223 -27.01 -24.42 18.40
N GLN B 224 -26.89 -24.90 17.16
CA GLN B 224 -27.91 -24.64 16.13
C GLN B 224 -28.98 -25.75 16.02
N THR B 225 -28.63 -26.97 16.44
CA THR B 225 -29.55 -28.10 16.37
C THR B 225 -30.29 -28.31 17.70
N ALA B 226 -31.51 -28.83 17.59
CA ALA B 226 -32.38 -29.06 18.76
C ALA B 226 -31.83 -30.16 19.68
N ALA B 227 -31.22 -31.18 19.07
CA ALA B 227 -30.67 -32.32 19.82
C ALA B 227 -29.48 -31.93 20.71
N GLN B 228 -28.61 -31.07 20.18
CA GLN B 228 -27.49 -30.53 20.94
C GLN B 228 -27.97 -29.57 22.04
N ARG B 229 -29.01 -28.80 21.72
CA ARG B 229 -29.58 -27.83 22.65
C ARG B 229 -30.32 -28.48 23.83
N THR B 230 -30.85 -29.68 23.61
CA THR B 230 -31.54 -30.43 24.66
C THR B 230 -30.54 -31.03 25.66
N MET B 231 -29.48 -31.64 25.13
CA MET B 231 -28.41 -32.23 25.93
C MET B 231 -27.75 -31.18 26.85
N VAL B 232 -27.69 -29.94 26.37
CA VAL B 232 -27.16 -28.82 27.14
C VAL B 232 -28.09 -28.40 28.28
N ASP B 233 -29.38 -28.29 27.96
CA ASP B 233 -30.40 -27.84 28.94
C ASP B 233 -30.55 -28.78 30.14
N GLN B 234 -30.29 -30.07 29.92
CA GLN B 234 -30.35 -31.07 30.98
C GLN B 234 -29.19 -30.90 31.97
N VAL B 235 -27.97 -30.75 31.43
CA VAL B 235 -26.77 -30.50 32.24
C VAL B 235 -26.84 -29.13 32.94
N ARG B 236 -27.64 -28.23 32.37
CA ARG B 236 -27.87 -26.91 32.96
C ARG B 236 -28.75 -27.00 34.20
N GLU B 237 -29.79 -27.84 34.14
CA GLU B 237 -30.74 -27.99 35.25
C GLU B 237 -30.48 -29.25 36.06
N SER B 238 -29.26 -29.36 36.61
CA SER B 238 -28.86 -30.48 37.44
C SER B 238 -28.00 -30.00 38.61
N ARG B 239 -28.42 -30.36 39.82
CA ARG B 239 -27.67 -30.00 41.03
C ARG B 239 -26.46 -30.90 41.22
N ASN B 240 -25.34 -30.30 41.61
CA ASN B 240 -24.05 -30.99 41.81
C ASN B 240 -23.59 -31.83 40.60
N PRO B 241 -22.98 -31.18 39.60
CA PRO B 241 -22.56 -31.88 38.38
C PRO B 241 -21.19 -32.56 38.52
N GLY B 242 -21.09 -33.79 38.05
CA GLY B 242 -19.87 -34.58 38.19
C GLY B 242 -19.37 -35.17 36.88
N ASN B 243 -18.81 -36.38 36.97
CA ASN B 243 -18.25 -37.08 35.81
C ASN B 243 -19.22 -37.25 34.64
N ALA B 244 -20.45 -37.64 34.95
CA ALA B 244 -21.50 -37.86 33.95
C ALA B 244 -21.84 -36.59 33.18
N GLU B 245 -21.92 -35.47 33.88
CA GLU B 245 -22.18 -34.17 33.27
C GLU B 245 -20.93 -33.65 32.55
N PHE B 246 -19.76 -33.90 33.13
CA PHE B 246 -18.48 -33.53 32.50
C PHE B 246 -18.25 -34.29 31.21
N GLU B 247 -18.67 -35.55 31.20
CA GLU B 247 -18.60 -36.40 30.00
C GLU B 247 -19.56 -35.93 28.93
N ASP B 248 -20.70 -35.35 29.35
CA ASP B 248 -21.70 -34.80 28.43
C ASP B 248 -21.17 -33.58 27.68
N LEU B 249 -20.55 -32.66 28.43
CA LEU B 249 -19.93 -31.45 27.86
C LEU B 249 -18.85 -31.77 26.82
N ILE B 250 -18.05 -32.80 27.12
CA ILE B 250 -17.02 -33.27 26.19
C ILE B 250 -17.63 -33.86 24.92
N PHE B 251 -18.76 -34.56 25.07
CA PHE B 251 -19.48 -35.14 23.94
C PHE B 251 -20.11 -34.03 23.09
N LEU B 252 -20.71 -33.05 23.75
CA LEU B 252 -21.35 -31.91 23.09
C LEU B 252 -20.33 -31.07 22.32
N ALA B 253 -19.13 -30.96 22.90
CA ALA B 253 -18.02 -30.25 22.26
C ALA B 253 -17.49 -31.02 21.06
N ARG B 254 -17.42 -32.34 21.18
CA ARG B 254 -17.00 -33.22 20.09
C ARG B 254 -17.96 -33.10 18.90
N SER B 255 -19.25 -32.98 19.20
CA SER B 255 -20.28 -32.82 18.19
C SER B 255 -20.17 -31.51 17.41
N ALA B 256 -19.61 -30.49 18.07
CA ALA B 256 -19.45 -29.16 17.47
C ALA B 256 -18.42 -29.14 16.34
N LEU B 257 -17.60 -30.19 16.27
CA LEU B 257 -16.66 -30.36 15.16
C LEU B 257 -17.41 -30.62 13.86
N ILE B 258 -18.54 -31.32 13.98
CA ILE B 258 -19.40 -31.64 12.83
C ILE B 258 -20.58 -30.68 12.79
N LEU B 259 -21.51 -30.83 13.72
CA LEU B 259 -22.64 -29.93 13.85
C LEU B 259 -22.18 -28.66 14.57
N ARG B 260 -21.59 -27.76 13.80
CA ARG B 260 -20.92 -26.56 14.31
C ARG B 260 -21.85 -25.60 15.05
N GLY B 261 -21.26 -24.72 15.87
CA GLY B 261 -22.01 -23.76 16.66
C GLY B 261 -22.06 -22.36 16.09
N SER B 262 -22.91 -21.54 16.67
CA SER B 262 -23.05 -20.13 16.30
C SER B 262 -22.03 -19.27 17.04
N VAL B 263 -20.88 -19.06 16.40
CA VAL B 263 -19.79 -18.28 16.97
C VAL B 263 -19.63 -16.98 16.18
N ALA B 264 -19.73 -15.85 16.87
CA ALA B 264 -19.60 -14.54 16.23
C ALA B 264 -18.14 -14.18 15.96
N HIS B 265 -17.88 -13.66 14.75
CA HIS B 265 -16.55 -13.25 14.35
C HIS B 265 -16.54 -11.76 14.08
N LYS B 266 -15.77 -11.01 14.90
CA LYS B 266 -15.72 -9.57 14.79
C LYS B 266 -14.32 -9.06 14.45
N SER B 267 -14.23 -8.22 13.42
CA SER B 267 -12.95 -7.64 13.01
C SER B 267 -12.52 -6.47 13.90
N CYS B 268 -11.60 -6.77 14.81
CA CYS B 268 -11.10 -5.79 15.78
C CYS B 268 -9.63 -5.53 15.48
N LEU B 269 -9.32 -4.26 15.25
CA LEU B 269 -8.00 -3.86 14.78
C LEU B 269 -7.16 -3.24 15.90
N PRO B 270 -5.81 -3.25 15.76
CA PRO B 270 -4.95 -2.54 16.71
C PRO B 270 -5.38 -1.09 16.88
N ALA B 271 -5.29 -0.58 18.11
CA ALA B 271 -5.71 0.78 18.44
C ALA B 271 -5.03 1.87 17.61
N CYS B 272 -3.81 1.60 17.16
CA CYS B 272 -3.06 2.54 16.33
C CYS B 272 -3.73 2.77 14.99
N VAL B 273 -4.38 1.74 14.47
CA VAL B 273 -5.16 1.85 13.22
C VAL B 273 -6.28 2.86 13.40
N TYR B 274 -7.02 2.73 14.50
CA TYR B 274 -8.13 3.63 14.79
C TYR B 274 -7.61 5.04 15.11
N GLY B 275 -6.54 5.10 15.88
CA GLY B 275 -5.90 6.38 16.22
C GLY B 275 -5.44 7.14 14.99
N SER B 276 -4.80 6.44 14.07
CA SER B 276 -4.28 7.04 12.83
C SER B 276 -5.41 7.64 11.98
N ALA B 277 -6.54 6.94 11.92
CA ALA B 277 -7.69 7.40 11.13
C ALA B 277 -8.36 8.64 11.74
N VAL B 278 -8.57 8.63 13.06
CA VAL B 278 -9.11 9.80 13.77
C VAL B 278 -8.17 11.00 13.61
N ALA B 279 -6.86 10.73 13.66
CA ALA B 279 -5.86 11.77 13.51
C ALA B 279 -5.84 12.37 12.12
N SER B 280 -6.23 11.58 11.12
CA SER B 280 -6.15 12.02 9.73
C SER B 280 -7.45 12.69 9.23
N GLY B 281 -8.50 12.62 10.05
CA GLY B 281 -9.77 13.28 9.74
C GLY B 281 -10.95 12.38 9.44
N TYR B 282 -10.90 11.15 9.92
CA TYR B 282 -12.03 10.25 9.76
C TYR B 282 -12.89 10.27 11.01
N ASP B 283 -14.15 10.65 10.82
CA ASP B 283 -15.12 10.74 11.91
C ASP B 283 -15.98 9.48 11.92
N PHE B 284 -15.60 8.53 12.77
CA PHE B 284 -16.34 7.26 12.88
C PHE B 284 -17.79 7.45 13.37
N GLU B 285 -18.03 8.47 14.19
CA GLU B 285 -19.37 8.76 14.70
C GLU B 285 -20.31 9.15 13.57
N ARG B 286 -19.90 10.14 12.78
CA ARG B 286 -20.69 10.61 11.64
C ARG B 286 -20.72 9.58 10.50
N GLU B 287 -19.60 8.91 10.26
CA GLU B 287 -19.51 7.97 9.15
C GLU B 287 -20.14 6.62 9.46
N GLY B 288 -20.30 6.32 10.75
CA GLY B 288 -20.71 5.00 11.19
C GLY B 288 -19.55 4.01 11.06
N TYR B 289 -19.78 2.79 11.52
CA TYR B 289 -18.77 1.73 11.47
C TYR B 289 -19.42 0.40 11.85
N SER B 290 -18.86 -0.70 11.33
CA SER B 290 -19.25 -2.04 11.77
C SER B 290 -18.02 -2.93 11.89
N LEU B 291 -18.16 -4.07 12.57
CA LEU B 291 -17.07 -5.00 12.77
C LEU B 291 -17.25 -6.25 11.91
N VAL B 292 -18.34 -6.29 11.16
CA VAL B 292 -18.69 -7.44 10.31
C VAL B 292 -18.94 -7.05 8.84
N GLY B 293 -19.06 -5.75 8.59
CA GLY B 293 -19.27 -5.24 7.23
C GLY B 293 -17.98 -4.96 6.47
N ILE B 294 -18.03 -3.98 5.56
CA ILE B 294 -16.89 -3.62 4.74
C ILE B 294 -15.87 -2.76 5.52
N ASP B 295 -16.37 -1.97 6.45
CA ASP B 295 -15.58 -0.93 7.13
C ASP B 295 -14.13 -1.30 7.54
N PRO B 296 -13.95 -2.41 8.29
CA PRO B 296 -12.59 -2.78 8.69
C PRO B 296 -11.66 -3.01 7.50
N PHE B 297 -12.16 -3.68 6.47
CA PHE B 297 -11.40 -3.87 5.24
C PHE B 297 -11.05 -2.50 4.62
N ARG B 298 -12.05 -1.63 4.51
CA ARG B 298 -11.90 -0.26 4.02
C ARG B 298 -10.82 0.50 4.77
N LEU B 299 -10.88 0.43 6.09
CA LEU B 299 -9.94 1.11 6.96
C LEU B 299 -8.52 0.57 6.79
N LEU B 300 -8.38 -0.74 6.66
CA LEU B 300 -7.07 -1.35 6.46
C LEU B 300 -6.47 -0.97 5.10
N GLN B 301 -7.34 -0.73 4.12
CA GLN B 301 -6.93 -0.27 2.79
C GLN B 301 -6.30 1.12 2.88
N ASN B 302 -6.71 1.88 3.88
CA ASN B 302 -6.26 3.26 4.06
C ASN B 302 -5.36 3.39 5.30
N SER B 303 -4.57 2.35 5.54
CA SER B 303 -3.71 2.28 6.71
C SER B 303 -2.31 1.77 6.36
N GLN B 304 -1.36 2.08 7.24
CA GLN B 304 -0.02 1.53 7.17
C GLN B 304 0.46 1.27 8.59
N VAL B 305 0.44 0.01 8.99
CA VAL B 305 0.92 -0.41 10.31
C VAL B 305 2.26 -1.14 10.16
N TYR B 306 3.20 -0.80 11.04
CA TYR B 306 4.55 -1.37 11.00
C TYR B 306 4.72 -2.45 12.05
N SER B 307 5.71 -3.31 11.85
CA SER B 307 6.08 -4.30 12.85
C SER B 307 7.58 -4.43 12.95
N LEU B 308 8.05 -4.71 14.16
CA LEU B 308 9.44 -5.10 14.36
C LEU B 308 9.61 -6.53 13.90
N ILE B 309 10.64 -6.77 13.10
CA ILE B 309 10.90 -8.09 12.55
C ILE B 309 12.27 -8.58 12.97
N ARG B 310 12.33 -9.84 13.38
CA ARG B 310 13.58 -10.48 13.78
C ARG B 310 14.44 -10.80 12.55
N PRO B 311 15.75 -11.02 12.73
CA PRO B 311 16.65 -11.22 11.58
C PRO B 311 16.26 -12.37 10.66
N ASN B 312 15.73 -13.46 11.20
CA ASN B 312 15.44 -14.64 10.41
C ASN B 312 13.99 -14.76 9.93
N GLU B 313 13.24 -13.66 10.05
CA GLU B 313 11.80 -13.68 9.76
C GLU B 313 11.43 -13.09 8.40
N ASN B 314 10.46 -13.73 7.74
CA ASN B 314 9.90 -13.23 6.48
C ASN B 314 8.74 -12.27 6.75
N PRO B 315 8.93 -10.98 6.42
CA PRO B 315 7.94 -9.92 6.67
C PRO B 315 6.55 -10.23 6.13
N ALA B 316 6.48 -10.97 5.03
CA ALA B 316 5.21 -11.39 4.44
C ALA B 316 4.44 -12.37 5.33
N HIS B 317 5.16 -13.24 6.03
CA HIS B 317 4.52 -14.20 6.93
C HIS B 317 4.06 -13.56 8.24
N LYS B 318 4.72 -12.48 8.64
CA LYS B 318 4.32 -11.67 9.77
C LYS B 318 3.00 -10.98 9.45
N SER B 319 2.93 -10.42 8.24
CA SER B 319 1.75 -9.75 7.74
C SER B 319 0.54 -10.67 7.71
N GLN B 320 0.72 -11.87 7.16
CA GLN B 320 -0.34 -12.88 7.09
C GLN B 320 -0.94 -13.12 8.47
N LEU B 321 -0.05 -13.27 9.45
CA LEU B 321 -0.45 -13.54 10.83
C LEU B 321 -1.33 -12.44 11.40
N VAL B 322 -0.91 -11.19 11.25
CA VAL B 322 -1.66 -10.04 11.75
C VAL B 322 -3.00 -9.92 11.02
N TRP B 323 -2.97 -10.13 9.71
CA TRP B 323 -4.17 -10.13 8.87
C TRP B 323 -5.22 -11.12 9.37
N MET B 324 -4.80 -12.35 9.63
CA MET B 324 -5.68 -13.39 10.14
C MET B 324 -6.29 -12.99 11.48
N ALA B 325 -5.46 -12.40 12.34
CA ALA B 325 -5.89 -11.92 13.65
C ALA B 325 -6.88 -10.76 13.52
N CYS B 326 -6.63 -9.88 12.54
CA CYS B 326 -7.48 -8.73 12.30
C CYS B 326 -8.92 -9.12 11.97
N HIS B 327 -9.11 -10.27 11.33
CA HIS B 327 -10.43 -10.69 10.87
C HIS B 327 -10.95 -11.99 11.51
N SER B 328 -10.46 -12.32 12.71
CA SER B 328 -10.86 -13.55 13.43
C SER B 328 -10.74 -14.83 12.59
N ALA B 329 -9.71 -14.89 11.74
CA ALA B 329 -9.62 -15.89 10.70
C ALA B 329 -8.80 -17.15 11.04
N ALA B 330 -8.24 -17.18 12.25
CA ALA B 330 -7.36 -18.26 12.69
C ALA B 330 -7.88 -19.66 12.33
N PHE B 331 -9.14 -19.92 12.66
CA PHE B 331 -9.71 -21.27 12.52
C PHE B 331 -10.42 -21.52 11.17
N GLU B 332 -10.37 -20.53 10.28
CA GLU B 332 -10.98 -20.64 8.95
C GLU B 332 -10.24 -21.61 8.04
N ASP B 333 -10.89 -21.95 6.92
CA ASP B 333 -10.26 -22.66 5.83
C ASP B 333 -9.24 -21.72 5.18
N LEU B 334 -8.03 -22.22 4.98
CA LEU B 334 -6.96 -21.44 4.36
C LEU B 334 -7.30 -21.09 2.92
N ARG B 335 -8.15 -21.91 2.29
CA ARG B 335 -8.57 -21.71 0.91
C ARG B 335 -9.43 -20.45 0.76
N VAL B 336 -10.44 -20.31 1.62
CA VAL B 336 -11.31 -19.12 1.59
C VAL B 336 -10.56 -17.86 2.04
N SER B 337 -9.65 -18.02 3.00
CA SER B 337 -8.79 -16.91 3.43
C SER B 337 -7.88 -16.45 2.29
N SER B 338 -7.27 -17.41 1.59
CA SER B 338 -6.41 -17.11 0.45
C SER B 338 -7.15 -16.42 -0.69
N PHE B 339 -8.37 -16.89 -0.95
CA PHE B 339 -9.20 -16.33 -2.01
C PHE B 339 -9.55 -14.87 -1.73
N ILE B 340 -9.94 -14.57 -0.50
CA ILE B 340 -10.26 -13.21 -0.07
C ILE B 340 -9.01 -12.31 -0.07
N ARG B 341 -7.88 -12.86 0.35
CA ARG B 341 -6.65 -12.10 0.55
C ARG B 341 -5.96 -11.75 -0.77
N GLY B 342 -5.82 -12.73 -1.66
CA GLY B 342 -5.08 -12.56 -2.91
C GLY B 342 -3.76 -13.30 -2.84
N THR B 343 -3.01 -13.05 -1.77
CA THR B 343 -1.83 -13.84 -1.46
C THR B 343 -2.27 -15.16 -0.85
N LYS B 344 -1.40 -16.17 -0.87
CA LYS B 344 -1.70 -17.47 -0.30
C LYS B 344 -1.60 -17.46 1.22
N VAL B 345 -2.60 -18.04 1.89
CA VAL B 345 -2.58 -18.15 3.33
C VAL B 345 -2.05 -19.52 3.74
N VAL B 346 -0.73 -19.57 3.96
CA VAL B 346 0.00 -20.79 4.31
C VAL B 346 -0.35 -21.21 5.74
N PRO B 347 -0.33 -22.53 6.04
CA PRO B 347 -0.53 -23.00 7.43
C PRO B 347 0.58 -22.56 8.39
N ARG B 348 0.33 -22.70 9.69
CA ARG B 348 1.24 -22.23 10.75
C ARG B 348 2.62 -22.89 10.73
N GLY B 349 2.66 -24.18 10.44
CA GLY B 349 3.90 -24.96 10.42
C GLY B 349 4.86 -24.63 9.29
N LYS B 350 4.36 -23.93 8.28
CA LYS B 350 5.18 -23.47 7.16
C LYS B 350 5.36 -21.95 7.19
N LEU B 351 4.94 -21.33 8.28
CA LEU B 351 4.99 -19.89 8.43
C LEU B 351 6.30 -19.48 9.13
N SER B 352 7.17 -18.77 8.40
CA SER B 352 8.50 -18.43 8.90
C SER B 352 8.53 -17.13 9.71
N THR B 353 7.91 -17.17 10.89
CA THR B 353 7.88 -16.02 11.79
C THR B 353 7.54 -16.47 13.21
N ARG B 354 8.03 -15.72 14.20
CA ARG B 354 7.64 -15.93 15.59
C ARG B 354 6.59 -14.88 15.98
N GLY B 355 6.28 -14.80 17.26
CA GLY B 355 5.26 -13.89 17.77
C GLY B 355 5.46 -12.42 17.43
N VAL B 356 4.40 -11.64 17.58
CA VAL B 356 4.43 -10.20 17.27
C VAL B 356 5.20 -9.44 18.36
N GLN B 357 4.99 -9.84 19.61
CA GLN B 357 5.66 -9.22 20.75
C GLN B 357 7.13 -9.63 20.81
N ILE B 358 7.94 -8.75 21.39
CA ILE B 358 9.37 -9.01 21.55
C ILE B 358 9.69 -9.20 23.02
N ALA B 359 10.36 -10.31 23.34
CA ALA B 359 10.72 -10.66 24.71
C ALA B 359 11.89 -9.83 25.23
N SER B 360 12.00 -9.74 26.56
CA SER B 360 13.00 -8.89 27.21
C SER B 360 14.44 -9.37 27.02
N ASN B 361 14.61 -10.62 26.63
CA ASN B 361 15.94 -11.18 26.42
C ASN B 361 16.43 -11.05 24.98
N GLU B 362 15.54 -10.61 24.10
CA GLU B 362 15.87 -10.46 22.69
C GLU B 362 16.75 -9.24 22.44
N ASN B 363 17.71 -9.38 21.54
CA ASN B 363 18.66 -8.31 21.22
C ASN B 363 18.03 -7.27 20.29
N MET B 364 17.97 -6.02 20.75
CA MET B 364 17.37 -4.94 19.99
C MET B 364 18.22 -4.46 18.82
N GLU B 365 19.54 -4.64 18.91
CA GLU B 365 20.47 -4.17 17.88
C GLU B 365 20.29 -4.85 16.53
N THR B 366 19.62 -6.00 16.53
CA THR B 366 19.37 -6.77 15.30
C THR B 366 17.96 -6.54 14.76
N MET B 367 17.16 -5.76 15.50
CA MET B 367 15.77 -5.52 15.13
C MET B 367 15.61 -4.46 14.04
N GLU B 368 14.90 -4.83 12.98
CA GLU B 368 14.50 -3.89 11.94
C GLU B 368 12.97 -3.88 11.85
N SER B 369 12.40 -2.78 11.36
CA SER B 369 10.95 -2.67 11.25
C SER B 369 10.47 -2.72 9.80
N SER B 370 9.47 -3.58 9.56
CA SER B 370 8.88 -3.72 8.22
C SER B 370 7.39 -3.37 8.20
N THR B 371 6.92 -2.95 7.02
CA THR B 371 5.50 -2.69 6.79
C THR B 371 4.72 -4.00 6.84
N LEU B 372 3.62 -3.99 7.60
CA LEU B 372 2.69 -5.11 7.59
C LEU B 372 1.72 -4.94 6.42
N GLU B 373 1.74 -5.89 5.50
CA GLU B 373 0.79 -5.87 4.39
C GLU B 373 -0.54 -6.46 4.83
N LEU B 374 -1.51 -5.58 5.09
CA LEU B 374 -2.79 -5.99 5.67
C LEU B 374 -3.98 -5.80 4.73
N ARG B 375 -3.71 -5.36 3.50
CA ARG B 375 -4.77 -5.14 2.51
C ARG B 375 -5.39 -6.47 2.05
N SER B 376 -6.42 -6.38 1.22
CA SER B 376 -7.09 -7.57 0.68
C SER B 376 -7.44 -7.39 -0.80
N ARG B 377 -7.72 -8.50 -1.46
CA ARG B 377 -8.21 -8.48 -2.85
C ARG B 377 -9.73 -8.29 -2.86
N TYR B 378 -10.41 -9.02 -1.98
CA TYR B 378 -11.87 -8.92 -1.84
C TYR B 378 -12.25 -8.70 -0.37
N TRP B 379 -13.55 -8.67 -0.10
CA TRP B 379 -14.04 -8.72 1.28
C TRP B 379 -15.28 -9.60 1.40
N ALA B 380 -15.59 -10.00 2.64
CA ALA B 380 -16.75 -10.84 2.91
C ALA B 380 -17.29 -10.54 4.31
N ILE B 381 -18.62 -10.66 4.46
CA ILE B 381 -19.27 -10.45 5.76
C ILE B 381 -18.80 -11.49 6.77
N ARG B 382 -18.87 -11.14 8.05
CA ARG B 382 -18.51 -12.07 9.11
C ARG B 382 -19.73 -12.69 9.77
N THR B 383 -19.74 -14.02 9.79
CA THR B 383 -20.93 -14.77 10.17
C THR B 383 -21.00 -15.09 11.66
N ARG B 384 -22.22 -15.13 12.18
CA ARG B 384 -22.48 -15.68 13.49
C ARG B 384 -22.75 -17.18 13.34
N SER B 385 -23.39 -17.55 12.24
CA SER B 385 -23.76 -18.95 11.97
C SER B 385 -22.56 -19.86 11.71
N GLY B 386 -22.80 -21.16 11.85
CA GLY B 386 -21.78 -22.18 11.61
C GLY B 386 -22.21 -23.17 10.54
N GLY B 397 -36.30 -24.27 -4.66
CA GLY B 397 -36.28 -24.75 -6.04
C GLY B 397 -36.06 -26.25 -6.13
N GLN B 398 -35.46 -26.68 -7.24
CA GLN B 398 -35.18 -28.11 -7.47
C GLN B 398 -34.11 -28.65 -6.51
N ILE B 399 -34.44 -29.76 -5.85
CA ILE B 399 -33.53 -30.40 -4.90
C ILE B 399 -32.76 -31.55 -5.54
N SER B 400 -33.30 -32.11 -6.62
CA SER B 400 -32.69 -33.25 -7.32
C SER B 400 -32.66 -33.07 -8.85
N ILE B 401 -32.06 -34.04 -9.54
CA ILE B 401 -31.94 -34.00 -10.99
C ILE B 401 -32.34 -35.34 -11.61
N GLN B 402 -33.04 -35.28 -12.74
CA GLN B 402 -33.48 -36.47 -13.47
C GLN B 402 -32.73 -36.55 -14.80
N PRO B 403 -31.96 -37.64 -15.00
CA PRO B 403 -31.13 -37.78 -16.20
C PRO B 403 -31.95 -37.90 -17.48
N THR B 404 -31.52 -37.18 -18.51
CA THR B 404 -32.14 -37.24 -19.83
C THR B 404 -31.22 -37.95 -20.82
N PHE B 405 -29.92 -37.70 -20.68
CA PHE B 405 -28.92 -38.26 -21.59
C PHE B 405 -28.13 -39.39 -20.94
N SER B 406 -27.85 -40.43 -21.73
CA SER B 406 -27.02 -41.54 -21.31
C SER B 406 -25.54 -41.16 -21.42
N VAL B 407 -25.03 -40.54 -20.36
CA VAL B 407 -23.63 -40.13 -20.28
C VAL B 407 -23.09 -40.33 -18.86
N GLN B 408 -21.80 -40.67 -18.75
CA GLN B 408 -21.16 -40.91 -17.46
C GLN B 408 -21.04 -39.63 -16.64
N ARG B 409 -21.71 -39.63 -15.49
CA ARG B 409 -21.78 -38.48 -14.61
C ARG B 409 -22.27 -38.88 -13.23
N ASN B 410 -22.00 -38.04 -12.24
CA ASN B 410 -22.67 -38.15 -10.96
C ASN B 410 -24.06 -37.53 -11.08
N LEU B 411 -25.06 -38.22 -10.55
CA LEU B 411 -26.43 -37.69 -10.51
C LEU B 411 -26.61 -36.92 -9.21
N PRO B 412 -26.43 -35.59 -9.25
CA PRO B 412 -26.37 -34.80 -8.02
C PRO B 412 -27.73 -34.54 -7.37
N PHE B 413 -27.73 -34.41 -6.05
CA PHE B 413 -28.94 -34.12 -5.28
C PHE B 413 -28.61 -33.42 -3.96
N ASP B 414 -29.50 -32.54 -3.53
CA ASP B 414 -29.38 -31.87 -2.24
C ASP B 414 -29.59 -32.88 -1.13
N ARG B 415 -28.48 -33.42 -0.61
CA ARG B 415 -28.49 -34.51 0.35
C ARG B 415 -29.12 -34.16 1.72
N PRO B 416 -28.67 -33.05 2.35
CA PRO B 416 -29.24 -32.72 3.67
C PRO B 416 -30.74 -32.40 3.63
N THR B 417 -31.17 -31.65 2.61
CA THR B 417 -32.58 -31.24 2.48
C THR B 417 -33.51 -32.43 2.26
N ILE B 418 -33.04 -33.41 1.48
CA ILE B 418 -33.83 -34.60 1.18
C ILE B 418 -33.92 -35.55 2.38
N MET B 419 -32.87 -35.55 3.21
CA MET B 419 -32.79 -36.43 4.36
C MET B 419 -33.46 -35.84 5.60
N ALA B 420 -33.15 -34.57 5.88
CA ALA B 420 -33.70 -33.87 7.03
C ALA B 420 -34.92 -33.03 6.64
N ARG B 434 -28.71 -37.90 22.44
CA ARG B 434 -27.31 -38.33 22.37
C ARG B 434 -27.08 -39.30 21.20
N THR B 435 -28.01 -40.24 21.05
CA THR B 435 -27.98 -41.19 19.94
C THR B 435 -28.34 -40.51 18.63
N GLU B 436 -29.27 -39.55 18.71
CA GLU B 436 -29.69 -38.75 17.55
C GLU B 436 -28.55 -37.86 17.06
N ILE B 437 -27.74 -37.35 17.99
CA ILE B 437 -26.60 -36.51 17.68
C ILE B 437 -25.53 -37.26 16.90
N ILE B 438 -25.28 -38.51 17.28
CA ILE B 438 -24.33 -39.38 16.58
C ILE B 438 -24.79 -39.66 15.15
N ARG B 439 -26.11 -39.83 14.98
CA ARG B 439 -26.72 -40.02 13.66
C ARG B 439 -26.54 -38.80 12.76
N LEU B 440 -26.70 -37.62 13.35
CA LEU B 440 -26.46 -36.36 12.65
C LEU B 440 -24.99 -36.25 12.21
N MET B 441 -24.08 -36.61 13.12
CA MET B 441 -22.64 -36.56 12.87
C MET B 441 -22.18 -37.54 11.79
N GLU B 442 -22.76 -38.75 11.81
CA GLU B 442 -22.40 -39.81 10.87
C GLU B 442 -22.89 -39.50 9.45
N SER B 443 -24.09 -38.92 9.37
CA SER B 443 -24.70 -38.57 8.09
C SER B 443 -23.93 -37.48 7.36
N ALA B 444 -23.60 -36.41 8.07
CA ALA B 444 -22.92 -35.25 7.50
C ALA B 444 -21.57 -35.61 6.86
N ARG B 445 -21.29 -34.98 5.72
CA ARG B 445 -20.10 -35.27 4.94
C ARG B 445 -19.28 -34.01 4.71
N PRO B 446 -17.93 -34.14 4.68
CA PRO B 446 -17.02 -33.01 4.42
C PRO B 446 -17.24 -32.35 3.07
N GLU B 447 -17.95 -33.02 2.17
CA GLU B 447 -18.21 -32.51 0.82
C GLU B 447 -19.48 -31.63 0.75
N ASP B 448 -20.31 -31.70 1.78
CA ASP B 448 -21.54 -30.90 1.85
C ASP B 448 -21.24 -29.40 1.91
N VAL B 449 -22.05 -28.61 1.22
CA VAL B 449 -21.83 -27.16 1.10
C VAL B 449 -22.75 -26.31 1.98
N SER B 450 -22.21 -25.20 2.49
CA SER B 450 -22.98 -24.25 3.30
C SER B 450 -22.82 -22.83 2.75
N PHE B 451 -23.57 -21.89 3.34
CA PHE B 451 -23.61 -20.49 2.90
C PHE B 451 -23.90 -20.35 1.39
N GLN B 452 -24.86 -21.13 0.90
CA GLN B 452 -25.22 -21.15 -0.51
C GLN B 452 -25.63 -19.76 -1.03
N GLY B 453 -25.19 -19.44 -2.25
CA GLY B 453 -25.49 -18.14 -2.85
C GLY B 453 -24.54 -17.04 -2.44
N ARG B 454 -24.13 -17.06 -1.16
CA ARG B 454 -23.23 -16.05 -0.60
C ARG B 454 -21.80 -16.21 -1.11
N GLY B 455 -21.10 -15.08 -1.26
CA GLY B 455 -19.72 -15.06 -1.73
C GLY B 455 -18.92 -13.86 -1.27
N VAL B 456 -17.82 -13.59 -1.97
CA VAL B 456 -16.97 -12.44 -1.72
C VAL B 456 -17.51 -11.19 -2.43
N PHE B 457 -16.95 -10.03 -2.10
CA PHE B 457 -17.32 -8.77 -2.76
C PHE B 457 -16.08 -7.97 -3.13
N GLU B 458 -16.21 -7.11 -4.14
CA GLU B 458 -15.14 -6.20 -4.53
C GLU B 458 -15.00 -5.08 -3.50
N LEU B 459 -13.82 -4.48 -3.42
CA LEU B 459 -13.53 -3.41 -2.47
C LEU B 459 -14.38 -2.16 -2.70
N SER B 460 -14.73 -1.92 -3.97
CA SER B 460 -15.57 -0.79 -4.37
C SER B 460 -17.06 -1.02 -4.10
N ASP B 461 -17.43 -2.28 -3.89
CA ASP B 461 -18.84 -2.66 -3.65
C ASP B 461 -19.27 -2.36 -2.21
N GLU B 462 -19.62 -1.09 -1.97
CA GLU B 462 -19.99 -0.61 -0.63
C GLU B 462 -21.14 -1.40 0.00
N LYS B 463 -22.20 -1.63 -0.76
CA LYS B 463 -23.31 -2.48 -0.32
C LYS B 463 -23.03 -3.92 -0.74
N ALA B 464 -23.85 -4.86 -0.27
CA ALA B 464 -23.65 -6.27 -0.62
C ALA B 464 -24.34 -6.61 -1.95
N THR B 465 -23.98 -5.88 -3.00
CA THR B 465 -24.63 -5.98 -4.31
C THR B 465 -24.31 -7.30 -5.01
N SER B 466 -23.23 -7.31 -5.78
CA SER B 466 -22.87 -8.45 -6.62
C SER B 466 -21.85 -9.36 -5.95
N PRO B 467 -22.29 -10.53 -5.48
CA PRO B 467 -21.43 -11.51 -4.83
C PRO B 467 -20.61 -12.34 -5.82
N ILE B 468 -19.46 -12.82 -5.38
CA ILE B 468 -18.59 -13.67 -6.20
C ILE B 468 -18.40 -15.03 -5.52
N VAL B 469 -19.03 -16.07 -6.07
CA VAL B 469 -18.92 -17.42 -5.52
C VAL B 469 -17.69 -18.14 -6.06
N PRO B 470 -16.75 -18.52 -5.17
CA PRO B 470 -15.53 -19.23 -5.58
C PRO B 470 -15.79 -20.71 -5.88
N SER B 479 -5.98 -26.47 4.21
CA SER B 479 -7.27 -26.10 4.77
C SER B 479 -7.17 -25.69 6.24
N TYR B 480 -6.50 -26.50 7.05
CA TYR B 480 -6.36 -26.24 8.48
C TYR B 480 -5.07 -25.46 8.77
N PHE B 481 -5.22 -24.33 9.46
CA PHE B 481 -4.07 -23.48 9.79
C PHE B 481 -3.10 -24.18 10.76
N PHE B 482 -3.66 -24.92 11.71
CA PHE B 482 -2.87 -25.73 12.63
C PHE B 482 -2.94 -27.19 12.21
N GLY B 483 -2.30 -27.51 11.09
CA GLY B 483 -2.31 -28.86 10.52
C GLY B 483 -1.50 -29.85 11.32
C1 0MS C . 12.63 7.26 10.39
C2 0MS C . 13.69 6.51 9.88
C3 0MS C . 11.56 6.62 11.03
C4 0MS C . 13.69 5.12 10.01
C5 0MS C . 11.13 7.31 3.99
C6 0MS C . 12.89 5.71 4.11
C7 0MS C . 11.56 5.22 11.16
C8 0MS C . 9.61 3.58 11.36
C9 0MS C . 10.51 6.66 5.04
C10 0MS C . 12.62 4.48 10.65
C11 0MS C . 12.33 6.82 3.51
C12 0MS C . 10.43 4.62 11.82
C13 0MS C . 8.69 3.39 12.34
C14 0MS C . 11.14 5.56 5.59
C15 0MS C . 9.67 2.80 10.11
C16 0MS C . 10.43 5.61 7.93
C17 0MS C . 10.74 3.44 6.75
C18 0MS C . 9.43 4.94 8.87
C19 0MS C . 9.62 2.84 7.59
C20 0MS C . 9.21 7.18 5.54
C21 0MS C . 7.55 2.47 12.51
N22 0MS C . 12.32 5.06 5.14
N23 0MS C . 10.02 5.05 13.02
N24 0MS C . 10.55 4.89 6.66
N25 0MS C . 9.58 3.48 8.90
O26 0MS C . 9.79 1.59 10.24
O27 0MS C . 8.91 4.26 13.34
CL2 0MS C . 12.69 2.75 10.78
BR2 0MS C . 13.20 7.65 2.08
C1 0MS D . -13.16 10.76 5.40
C2 0MS D . -14.23 10.07 4.83
C3 0MS D . -12.17 11.31 4.58
C4 0MS D . -14.33 9.94 3.45
C5 0MS D . -11.82 4.63 6.66
C6 0MS D . -13.47 4.39 4.94
C7 0MS D . -12.27 11.18 3.20
C8 0MS D . -10.41 11.11 1.45
C9 0MS D . -11.18 5.58 5.88
C10 0MS D . -13.34 10.49 2.63
C11 0MS D . -12.98 4.02 6.18
C12 0MS D . -11.21 11.76 2.40
C13 0MS D . -9.57 12.10 1.00
C14 0MS D . -11.76 5.88 4.65
C15 0MS D . -10.40 9.72 0.99
C16 0MS D . -11.07 8.22 4.25
C17 0MS D . -11.34 6.59 2.37
C18 0MS D . -10.09 9.01 3.36
C19 0MS D . -10.22 7.28 1.61
C20 0MS D . -9.95 6.23 6.39
C21 0MS D . -8.49 12.13 0.01
N22 0MS D . -12.88 5.31 4.16
N23 0MS D . -10.89 13.05 2.53
N24 0MS D . -11.17 6.82 3.81
N25 0MS D . -10.25 8.70 1.94
O26 0MS D . -10.53 9.54 -0.21
O27 0MS D . -9.84 13.27 1.63
CL2 0MS D . -13.53 10.29 0.92
BR2 0MS D . -13.89 2.72 7.18
#